data_6WK2
#
_entry.id   6WK2
#
_cell.length_a   60.342
_cell.length_b   175.977
_cell.length_c   66.314
_cell.angle_alpha   90.000
_cell.angle_beta   92.578
_cell.angle_gamma   90.000
#
_symmetry.space_group_name_H-M   'P 1 21 1'
#
loop_
_entity.id
_entity.type
_entity.pdbx_description
1 polymer 'Actin, cytoplasmic 2'
2 polymer 'Actin-histidine N-methyltransferase'
3 non-polymer S-ADENOSYLMETHIONINE
4 non-polymer 1,2-ETHANEDIOL
5 non-polymer 'SODIUM ION'
6 water water
#
loop_
_entity_poly.entity_id
_entity_poly.type
_entity_poly.pdbx_seq_one_letter_code
_entity_poly.pdbx_strand_id
1 'polypeptide(L)' TLKYPIEMGIVTNWDDMEKIWHH Y,C
2 'polypeptide(L)'
;MGKKSRVKTQKSGTGATATVSPKEILNLTSELLQKCSSPAPGPGKEWEEYVQIRTLVEKIRKKQKGLSVTFDGKREDYFP
DLMKWASENGASVEGFEMVNFKEEGFGLRATRDIKAEELFLWVPRKLLMTVESAKNSVLGPLYSQDRILQAMGNIALAFH
LLCERASPNSFWQPYIQTLPSEYDTPLYFEEDEVRYLQSTQAIHDVFSQYKNTARQYAYFYKVIQTHPHANKLPLKDSFT
YEDYRWAVSSVMTRQVQIPTEDGSRVTLALIPLWDMCNHTNGLITTGYNLEDDRCECVALQDFRAGEQIYIFYGTRSNAE
FVIHSGFFFDNNSHDRVKIKLGVSKSDRLYAMKAEVLARAGIPTSSVFALHFTEPPISAQLLAFLRVFCMTEEELKEHLL
GDSAIDRIFTLGNSEFPVSWDNEVKLWTFLEDRASLLLKTYKTTIEEDKSVLKNHDLSVRAKMAIKLRLGEKEILEKAVK
SAAVNREYYRQQMEEKAPLPKYEESNLGLLESSVGDSRLPLVLRNLEEEAGVQDALNIREAISKAKATENGLVNGENSIP
NGTRSENESLNQESKRAVEDAKGSSSDSTAGVKE
;
A,D
#
# COMPACT_ATOMS: atom_id res chain seq x y z
N THR A 1 -0.01 -7.00 -37.70
CA THR A 1 -0.41 -6.04 -36.68
C THR A 1 0.70 -5.02 -36.43
N LEU A 2 1.22 -5.01 -35.20
CA LEU A 2 2.30 -4.09 -34.86
C LEU A 2 3.61 -4.60 -35.43
N LYS A 3 4.30 -3.73 -36.18
CA LYS A 3 5.60 -4.11 -36.72
C LYS A 3 6.62 -4.29 -35.60
N TYR A 4 6.59 -3.43 -34.59
CA TYR A 4 7.55 -3.47 -33.47
C TYR A 4 6.78 -3.47 -32.16
N PRO A 5 6.14 -4.58 -31.80
CA PRO A 5 5.42 -4.63 -30.52
C PRO A 5 6.37 -4.41 -29.35
N ILE A 6 5.87 -3.70 -28.33
CA ILE A 6 6.68 -3.30 -27.18
C ILE A 6 6.12 -4.00 -25.95
N GLU A 7 6.98 -4.79 -25.29
CA GLU A 7 6.61 -5.58 -24.12
C GLU A 7 7.21 -4.94 -22.86
N MET A 8 6.34 -4.49 -21.95
CA MET A 8 6.80 -3.86 -20.72
C MET A 8 7.49 -4.87 -19.82
N GLY A 9 8.69 -4.52 -19.35
CA GLY A 9 9.46 -5.42 -18.49
C GLY A 9 9.86 -6.73 -19.15
N ILE A 10 10.15 -6.69 -20.47
CA ILE A 10 10.51 -7.91 -21.18
C ILE A 10 11.61 -8.65 -20.44
N VAL A 11 11.46 -9.97 -20.33
CA VAL A 11 12.38 -10.77 -19.54
C VAL A 11 13.72 -10.91 -20.27
N THR A 12 14.81 -10.57 -19.59
CA THR A 12 16.15 -10.68 -20.14
C THR A 12 16.98 -11.61 -19.26
N ASN A 13 18.11 -12.05 -19.80
CA ASN A 13 19.05 -12.89 -19.08
C ASN A 13 20.01 -12.02 -18.27
N TRP A 14 20.00 -12.20 -16.95
CA TRP A 14 20.92 -11.49 -16.07
C TRP A 14 22.10 -12.34 -15.63
N ASP A 15 22.22 -13.59 -16.10
CA ASP A 15 23.31 -14.46 -15.66
C ASP A 15 24.55 -14.13 -16.49
N ASP A 16 25.41 -13.28 -15.92
CA ASP A 16 26.65 -12.85 -16.57
C ASP A 16 27.66 -13.97 -16.74
N MET A 17 27.50 -15.08 -16.02
CA MET A 17 28.45 -16.17 -16.15
C MET A 17 28.00 -17.22 -17.15
N GLU A 18 26.69 -17.37 -17.36
CA GLU A 18 26.19 -18.29 -18.37
C GLU A 18 26.46 -17.75 -19.77
N LYS A 19 25.59 -16.86 -20.25
CA LYS A 19 25.77 -16.26 -21.57
C LYS A 19 25.75 -14.73 -21.49
N VAL B 20 32.72 3.51 9.65
CA VAL B 20 32.99 2.48 8.66
C VAL B 20 34.14 2.91 7.76
N SER B 21 35.10 1.99 7.55
CA SER B 21 36.22 2.34 6.68
C SER B 21 36.02 1.76 5.28
N PRO B 22 36.48 2.47 4.25
CA PRO B 22 36.44 1.91 2.89
C PRO B 22 37.21 0.61 2.73
N LYS B 23 38.21 0.34 3.59
CA LYS B 23 38.95 -0.91 3.48
C LYS B 23 38.11 -2.09 3.95
N GLU B 24 37.23 -1.90 4.94
CA GLU B 24 36.38 -2.98 5.40
C GLU B 24 35.35 -3.35 4.33
N ILE B 25 34.78 -2.36 3.64
CA ILE B 25 33.82 -2.63 2.59
C ILE B 25 34.50 -3.32 1.42
N LEU B 26 35.71 -2.88 1.06
CA LEU B 26 36.43 -3.53 -0.02
C LEU B 26 36.73 -4.99 0.32
N ASN B 27 37.09 -5.26 1.58
CA ASN B 27 37.29 -6.63 2.02
C ASN B 27 35.99 -7.42 1.94
N LEU B 28 34.88 -6.80 2.34
CA LEU B 28 33.60 -7.51 2.31
C LEU B 28 33.14 -7.77 0.88
N THR B 29 33.33 -6.81 -0.03
CA THR B 29 32.94 -7.05 -1.41
C THR B 29 33.84 -8.08 -2.08
N SER B 30 35.11 -8.17 -1.68
CA SER B 30 35.98 -9.22 -2.20
C SER B 30 35.50 -10.59 -1.75
N GLU B 31 35.13 -10.72 -0.48
CA GLU B 31 34.56 -11.98 0.00
C GLU B 31 33.26 -12.31 -0.73
N LEU B 32 32.42 -11.29 -0.96
CA LEU B 32 31.16 -11.51 -1.66
C LEU B 32 31.40 -11.93 -3.11
N LEU B 33 32.38 -11.31 -3.78
CA LEU B 33 32.69 -11.69 -5.15
C LEU B 33 33.14 -13.15 -5.24
N GLN B 34 34.02 -13.58 -4.33
CA GLN B 34 34.48 -14.96 -4.34
C GLN B 34 33.34 -15.92 -4.03
N LYS B 35 32.50 -15.58 -3.05
CA LYS B 35 31.39 -16.46 -2.69
C LYS B 35 30.42 -16.65 -3.86
N CYS B 36 30.14 -15.57 -4.60
CA CYS B 36 29.12 -15.59 -5.63
C CYS B 36 29.66 -15.99 -7.00
N SER B 37 30.98 -16.18 -7.12
CA SER B 37 31.60 -16.69 -8.33
C SER B 37 31.86 -18.19 -8.27
N SER B 38 31.75 -18.80 -7.09
CA SER B 38 31.91 -20.23 -6.96
C SER B 38 30.80 -20.94 -7.74
N PRO B 39 31.05 -22.16 -8.21
CA PRO B 39 30.02 -22.90 -8.94
C PRO B 39 28.86 -23.27 -8.03
N ALA B 40 27.73 -23.57 -8.66
CA ALA B 40 26.53 -23.96 -7.94
C ALA B 40 26.83 -25.17 -7.06
N PRO B 41 26.59 -25.09 -5.75
CA PRO B 41 27.00 -26.18 -4.85
C PRO B 41 26.08 -27.39 -4.88
N GLY B 42 25.28 -27.54 -5.93
CA GLY B 42 24.30 -28.59 -6.01
C GLY B 42 22.97 -28.15 -5.43
N PRO B 43 21.88 -28.59 -6.05
CA PRO B 43 20.55 -28.05 -5.65
C PRO B 43 20.19 -28.29 -4.21
N GLY B 44 20.75 -29.32 -3.57
CA GLY B 44 20.47 -29.58 -2.17
C GLY B 44 21.12 -28.63 -1.19
N LYS B 45 22.12 -27.86 -1.64
CA LYS B 45 22.76 -26.88 -0.80
C LYS B 45 22.41 -25.45 -1.21
N GLU B 46 21.45 -25.28 -2.12
CA GLU B 46 21.19 -23.95 -2.65
C GLU B 46 20.56 -23.03 -1.61
N TRP B 47 19.66 -23.56 -0.77
CA TRP B 47 19.08 -22.74 0.29
C TRP B 47 20.16 -22.27 1.25
N GLU B 48 21.05 -23.17 1.67
CA GLU B 48 22.11 -22.78 2.59
C GLU B 48 23.02 -21.73 1.95
N GLU B 49 23.34 -21.89 0.66
CA GLU B 49 24.16 -20.90 -0.02
C GLU B 49 23.45 -19.56 -0.10
N TYR B 50 22.16 -19.60 -0.41
CA TYR B 50 21.35 -18.37 -0.45
C TYR B 50 21.43 -17.62 0.87
N VAL B 51 21.20 -18.33 1.98
CA VAL B 51 21.25 -17.69 3.29
C VAL B 51 22.65 -17.16 3.58
N GLN B 52 23.68 -17.91 3.19
CA GLN B 52 25.04 -17.41 3.38
C GLN B 52 25.28 -16.12 2.61
N ILE B 53 24.82 -16.06 1.36
CA ILE B 53 24.96 -14.84 0.56
C ILE B 53 24.15 -13.70 1.17
N ARG B 54 22.91 -13.98 1.59
CA ARG B 54 22.08 -12.97 2.24
C ARG B 54 22.79 -12.37 3.45
N THR B 55 23.44 -13.22 4.26
CA THR B 55 24.10 -12.75 5.46
C THR B 55 25.20 -11.75 5.11
N LEU B 56 25.94 -12.03 4.03
CA LEU B 56 27.03 -11.16 3.60
C LEU B 56 26.51 -9.86 3.00
N VAL B 57 25.48 -9.94 2.16
CA VAL B 57 24.90 -8.74 1.57
C VAL B 57 24.36 -7.82 2.66
N GLU B 58 23.64 -8.39 3.64
CA GLU B 58 23.05 -7.57 4.70
C GLU B 58 24.10 -6.96 5.60
N LYS B 59 25.22 -7.65 5.82
CA LYS B 59 26.32 -7.05 6.57
C LYS B 59 26.87 -5.84 5.83
N ILE B 60 27.05 -5.95 4.51
CA ILE B 60 27.48 -4.80 3.71
C ILE B 60 26.43 -3.69 3.74
N ARG B 61 25.17 -4.06 3.52
CA ARG B 61 24.11 -3.06 3.44
C ARG B 61 23.97 -2.29 4.74
N LYS B 62 24.15 -2.96 5.89
CA LYS B 62 24.04 -2.28 7.17
C LYS B 62 25.19 -1.32 7.42
N LYS B 63 26.31 -1.49 6.73
CA LYS B 63 27.45 -0.58 6.85
C LYS B 63 27.46 0.52 5.81
N GLN B 64 26.45 0.58 4.95
CA GLN B 64 26.34 1.61 3.93
C GLN B 64 25.11 2.48 4.23
N LYS B 65 24.97 3.58 3.46
CA LYS B 65 24.00 4.61 3.78
C LYS B 65 22.76 4.57 2.89
N GLY B 66 22.36 3.37 2.43
CA GLY B 66 21.21 3.29 1.54
C GLY B 66 21.51 3.80 0.15
N LEU B 67 20.48 4.37 -0.49
CA LEU B 67 20.68 4.99 -1.81
C LEU B 67 21.66 6.16 -1.70
N SER B 68 22.64 6.18 -2.61
CA SER B 68 23.65 7.23 -2.59
C SER B 68 23.02 8.60 -2.83
N VAL B 69 22.06 8.66 -3.75
CA VAL B 69 21.35 9.89 -4.08
C VAL B 69 19.89 9.72 -3.68
N THR B 70 19.37 10.66 -2.89
CA THR B 70 17.97 10.72 -2.54
C THR B 70 17.47 12.12 -2.79
N PHE B 71 16.17 12.24 -2.99
CA PHE B 71 15.57 13.52 -3.36
C PHE B 71 14.72 14.06 -2.22
N ASP B 72 14.69 15.38 -2.11
CA ASP B 72 14.05 16.02 -0.96
C ASP B 72 12.54 15.91 -1.01
N GLY B 73 11.96 15.90 -2.22
CA GLY B 73 10.53 15.87 -2.37
C GLY B 73 9.94 14.48 -2.34
N LYS B 74 8.61 14.45 -2.19
CA LYS B 74 7.87 13.22 -2.37
C LYS B 74 7.81 12.86 -3.84
N ARG B 75 7.56 11.58 -4.12
CA ARG B 75 7.58 11.11 -5.49
C ARG B 75 6.61 11.89 -6.37
N GLU B 76 5.40 12.17 -5.85
CA GLU B 76 4.43 12.91 -6.65
C GLU B 76 4.78 14.38 -6.81
N ASP B 77 5.67 14.93 -5.97
CA ASP B 77 6.14 16.30 -6.17
C ASP B 77 6.82 16.48 -7.52
N TYR B 78 7.32 15.41 -8.11
CA TYR B 78 8.13 15.50 -9.33
C TYR B 78 7.37 15.13 -10.60
N PHE B 79 6.12 14.67 -10.48
CA PHE B 79 5.34 14.37 -11.68
C PHE B 79 5.07 15.61 -12.53
N PRO B 80 4.82 16.81 -11.98
CA PRO B 80 4.72 17.99 -12.87
C PRO B 80 5.95 18.20 -13.73
N ASP B 81 7.16 18.07 -13.16
CA ASP B 81 8.37 18.23 -13.96
C ASP B 81 8.48 17.16 -15.04
N LEU B 82 8.04 15.94 -14.74
CA LEU B 82 8.04 14.88 -15.76
C LEU B 82 7.14 15.28 -16.93
N MET B 83 5.95 15.79 -16.62
CA MET B 83 5.02 16.18 -17.67
C MET B 83 5.58 17.34 -18.49
N LYS B 84 6.14 18.34 -17.82
CA LYS B 84 6.65 19.51 -18.54
C LYS B 84 7.83 19.12 -19.42
N TRP B 85 8.73 18.28 -18.90
CA TRP B 85 9.86 17.78 -19.68
C TRP B 85 9.40 16.94 -20.86
N ALA B 86 8.40 16.08 -20.65
CA ALA B 86 7.94 15.23 -21.75
C ALA B 86 7.26 16.06 -22.82
N SER B 87 6.51 17.07 -22.38
CA SER B 87 5.78 17.94 -23.30
C SER B 87 6.73 18.74 -24.19
N GLU B 88 7.78 19.31 -23.60
CA GLU B 88 8.77 20.07 -24.37
C GLU B 88 9.50 19.22 -25.40
N ASN B 89 9.49 17.90 -25.25
CA ASN B 89 10.16 17.01 -26.19
C ASN B 89 9.17 16.21 -27.04
N GLY B 90 7.91 16.63 -27.08
CA GLY B 90 6.98 16.11 -28.07
C GLY B 90 6.15 14.91 -27.65
N ALA B 91 6.08 14.61 -26.36
CA ALA B 91 5.26 13.51 -25.88
C ALA B 91 3.84 14.01 -25.59
N SER B 92 2.90 13.08 -25.64
CA SER B 92 1.54 13.36 -25.18
C SER B 92 1.52 13.55 -23.67
N VAL B 93 0.89 14.62 -23.20
CA VAL B 93 0.76 14.86 -21.76
C VAL B 93 -0.65 15.27 -21.36
N GLU B 94 -1.60 15.26 -22.30
CA GLU B 94 -2.97 15.64 -21.99
C GLU B 94 -3.88 14.42 -21.96
N GLY B 95 -4.90 14.47 -21.09
CA GLY B 95 -5.90 13.42 -21.03
C GLY B 95 -5.70 12.38 -19.95
N PHE B 96 -4.66 12.52 -19.13
CA PHE B 96 -4.47 11.59 -18.03
C PHE B 96 -3.72 12.32 -16.92
N GLU B 97 -3.78 11.72 -15.72
CA GLU B 97 -3.10 12.22 -14.54
C GLU B 97 -2.53 11.03 -13.77
N MET B 98 -1.54 11.30 -12.92
CA MET B 98 -0.93 10.26 -12.10
C MET B 98 -1.66 10.17 -10.77
N VAL B 99 -2.02 8.95 -10.39
CA VAL B 99 -2.75 8.66 -9.16
C VAL B 99 -2.07 7.50 -8.45
N ASN B 100 -2.00 7.56 -7.13
CA ASN B 100 -1.44 6.45 -6.33
C ASN B 100 -2.57 5.48 -6.04
N PHE B 101 -2.64 4.40 -6.81
CA PHE B 101 -3.65 3.36 -6.59
C PHE B 101 -3.16 2.36 -5.56
N LYS B 102 -4.08 1.87 -4.72
CA LYS B 102 -3.72 0.91 -3.68
C LYS B 102 -3.22 -0.40 -4.26
N GLU B 103 -3.91 -0.94 -5.27
CA GLU B 103 -3.57 -2.28 -5.76
C GLU B 103 -2.26 -2.30 -6.54
N GLU B 104 -2.02 -1.29 -7.37
CA GLU B 104 -0.90 -1.33 -8.31
C GLU B 104 0.16 -0.27 -8.05
N GLY B 105 0.01 0.59 -7.05
CA GLY B 105 0.94 1.71 -6.96
C GLY B 105 0.51 2.85 -7.86
N PHE B 106 1.45 3.74 -8.15
CA PHE B 106 1.12 4.86 -9.03
C PHE B 106 0.79 4.33 -10.43
N GLY B 107 -0.16 5.00 -11.08
CA GLY B 107 -0.52 4.67 -12.44
C GLY B 107 -1.15 5.89 -13.09
N LEU B 108 -1.65 5.68 -14.30
CA LEU B 108 -2.31 6.75 -15.04
C LEU B 108 -3.82 6.58 -14.93
N ARG B 109 -4.53 7.71 -14.78
CA ARG B 109 -5.98 7.72 -14.75
C ARG B 109 -6.48 8.65 -15.84
N ALA B 110 -7.47 8.19 -16.61
CA ALA B 110 -8.05 9.00 -17.68
C ALA B 110 -8.74 10.22 -17.10
N THR B 111 -8.54 11.38 -17.73
CA THR B 111 -9.26 12.60 -17.35
C THR B 111 -10.34 12.96 -18.35
N ARG B 112 -10.46 12.19 -19.43
CA ARG B 112 -11.52 12.28 -20.42
C ARG B 112 -11.79 10.86 -20.88
N ASP B 113 -12.93 10.65 -21.53
CA ASP B 113 -13.19 9.33 -22.13
C ASP B 113 -12.18 9.05 -23.23
N ILE B 114 -11.64 7.83 -23.24
CA ILE B 114 -10.69 7.36 -24.25
C ILE B 114 -11.27 6.11 -24.87
N LYS B 115 -11.41 6.10 -26.20
CA LYS B 115 -11.98 4.95 -26.88
C LYS B 115 -10.93 3.88 -27.15
N ALA B 116 -11.37 2.62 -27.10
CA ALA B 116 -10.51 1.53 -27.51
C ALA B 116 -9.94 1.83 -28.90
N GLU B 117 -8.64 1.56 -29.07
CA GLU B 117 -7.85 1.76 -30.29
C GLU B 117 -7.49 3.21 -30.54
N GLU B 118 -7.86 4.15 -29.66
CA GLU B 118 -7.41 5.52 -29.83
C GLU B 118 -5.95 5.65 -29.48
N LEU B 119 -5.18 6.32 -30.34
CA LEU B 119 -3.79 6.63 -30.07
C LEU B 119 -3.74 7.73 -29.03
N PHE B 120 -3.51 7.38 -27.76
CA PHE B 120 -3.62 8.35 -26.70
C PHE B 120 -2.29 8.69 -26.04
N LEU B 121 -1.22 7.98 -26.39
CA LEU B 121 0.06 8.13 -25.69
C LEU B 121 1.18 7.93 -26.69
N TRP B 122 2.15 8.84 -26.72
CA TRP B 122 3.30 8.68 -27.61
C TRP B 122 4.52 9.36 -26.99
N VAL B 123 5.69 8.75 -27.20
CA VAL B 123 6.93 9.15 -26.53
C VAL B 123 8.07 9.13 -27.55
N PRO B 124 8.58 10.30 -27.96
CA PRO B 124 9.67 10.34 -28.95
C PRO B 124 10.96 9.76 -28.40
N ARG B 125 11.79 9.25 -29.33
CA ARG B 125 13.01 8.54 -28.96
C ARG B 125 13.93 9.39 -28.10
N LYS B 126 13.96 10.71 -28.32
CA LYS B 126 14.83 11.59 -27.55
C LYS B 126 14.61 11.44 -26.04
N LEU B 127 13.42 11.03 -25.60
CA LEU B 127 13.16 10.94 -24.18
C LEU B 127 13.63 9.63 -23.55
N LEU B 128 13.83 8.60 -24.36
CA LEU B 128 14.15 7.28 -23.86
C LEU B 128 15.57 7.23 -23.32
N MET B 129 15.80 6.31 -22.39
CA MET B 129 17.14 5.90 -22.02
C MET B 129 17.41 4.58 -22.72
N THR B 130 18.51 4.49 -23.47
CA THR B 130 18.80 3.31 -24.25
C THR B 130 20.26 2.92 -24.02
N VAL B 131 20.58 1.70 -24.44
CA VAL B 131 21.98 1.28 -24.47
C VAL B 131 22.82 2.26 -25.27
N GLU B 132 22.26 2.80 -26.36
CA GLU B 132 22.96 3.80 -27.16
C GLU B 132 23.22 5.08 -26.37
N SER B 133 22.22 5.55 -25.61
CA SER B 133 22.47 6.75 -24.81
C SER B 133 23.39 6.43 -23.64
N ALA B 134 23.36 5.20 -23.14
CA ALA B 134 24.37 4.77 -22.18
C ALA B 134 25.77 4.90 -22.77
N LYS B 135 25.94 4.50 -24.04
CA LYS B 135 27.26 4.50 -24.66
C LYS B 135 27.80 5.92 -24.82
N ASN B 136 26.92 6.88 -25.10
CA ASN B 136 27.36 8.25 -25.34
C ASN B 136 27.46 9.08 -24.07
N SER B 137 27.21 8.48 -22.91
CA SER B 137 27.18 9.22 -21.66
C SER B 137 28.55 9.16 -20.98
N VAL B 138 28.61 9.61 -19.73
CA VAL B 138 29.80 9.48 -18.90
C VAL B 138 30.19 8.02 -18.72
N LEU B 139 29.25 7.09 -18.86
CA LEU B 139 29.57 5.67 -18.75
C LEU B 139 30.30 5.16 -19.99
N GLY B 140 30.35 5.94 -21.07
CA GLY B 140 30.94 5.52 -22.33
C GLY B 140 32.31 4.88 -22.23
N PRO B 141 33.27 5.54 -21.59
CA PRO B 141 34.62 4.95 -21.47
C PRO B 141 34.65 3.58 -20.80
N LEU B 142 34.00 3.43 -19.64
CA LEU B 142 33.98 2.13 -18.99
C LEU B 142 33.21 1.12 -19.83
N TYR B 143 32.14 1.56 -20.48
CA TYR B 143 31.38 0.67 -21.35
C TYR B 143 32.28 0.06 -22.43
N SER B 144 33.17 0.87 -23.00
CA SER B 144 34.04 0.38 -24.07
C SER B 144 35.09 -0.62 -23.59
N GLN B 145 35.29 -0.73 -22.28
CA GLN B 145 36.33 -1.58 -21.71
C GLN B 145 35.81 -2.87 -21.08
N ASP B 146 34.60 -2.85 -20.52
CA ASP B 146 34.14 -3.96 -19.69
C ASP B 146 33.32 -4.95 -20.51
N ARG B 147 33.69 -6.24 -20.40
CA ARG B 147 33.06 -7.26 -21.21
C ARG B 147 31.62 -7.53 -20.78
N ILE B 148 31.31 -7.37 -19.49
CA ILE B 148 29.95 -7.58 -19.02
C ILE B 148 29.03 -6.48 -19.54
N LEU B 149 29.47 -5.22 -19.47
CA LEU B 149 28.65 -4.12 -19.98
C LEU B 149 28.40 -4.25 -21.48
N GLN B 150 29.41 -4.71 -22.23
CA GLN B 150 29.24 -4.83 -23.67
C GLN B 150 28.29 -5.96 -24.04
N ALA B 151 28.28 -7.03 -23.25
CA ALA B 151 27.48 -8.21 -23.54
C ALA B 151 26.04 -8.11 -23.04
N MET B 152 25.77 -7.28 -22.04
CA MET B 152 24.49 -7.32 -21.33
C MET B 152 23.92 -5.91 -21.26
N GLY B 153 23.06 -5.59 -22.23
CA GLY B 153 22.46 -4.28 -22.28
C GLY B 153 21.63 -3.96 -21.06
N ASN B 154 21.06 -4.99 -20.42
CA ASN B 154 20.25 -4.73 -19.23
C ASN B 154 21.11 -4.20 -18.09
N ILE B 155 22.29 -4.79 -17.87
CA ILE B 155 23.19 -4.26 -16.84
C ILE B 155 23.68 -2.88 -17.23
N ALA B 156 23.96 -2.67 -18.52
CA ALA B 156 24.37 -1.36 -19.00
C ALA B 156 23.30 -0.31 -18.72
N LEU B 157 22.02 -0.65 -18.97
CA LEU B 157 20.94 0.27 -18.63
C LEU B 157 20.94 0.61 -17.15
N ALA B 158 21.17 -0.40 -16.29
CA ALA B 158 21.15 -0.15 -14.85
C ALA B 158 22.22 0.84 -14.44
N PHE B 159 23.43 0.72 -15.00
CA PHE B 159 24.48 1.67 -14.65
C PHE B 159 24.23 3.04 -15.28
N HIS B 160 23.62 3.06 -16.47
CA HIS B 160 23.18 4.32 -17.07
C HIS B 160 22.23 5.05 -16.14
N LEU B 161 21.25 4.32 -15.60
CA LEU B 161 20.32 4.89 -14.65
C LEU B 161 21.06 5.45 -13.44
N LEU B 162 22.01 4.68 -12.88
CA LEU B 162 22.70 5.15 -11.68
C LEU B 162 23.55 6.38 -11.94
N CYS B 163 24.30 6.40 -13.04
CA CYS B 163 25.15 7.56 -13.30
C CYS B 163 24.32 8.81 -13.51
N GLU B 164 23.24 8.71 -14.27
CA GLU B 164 22.40 9.88 -14.50
C GLU B 164 21.68 10.30 -13.21
N ARG B 165 21.27 9.32 -12.40
CA ARG B 165 20.66 9.64 -11.11
C ARG B 165 21.60 10.50 -10.27
N ALA B 166 22.89 10.23 -10.33
CA ALA B 166 23.89 10.94 -9.53
C ALA B 166 24.45 12.16 -10.25
N SER B 167 23.86 12.54 -11.39
CA SER B 167 24.28 13.72 -12.14
C SER B 167 23.17 14.77 -12.07
N PRO B 168 23.32 15.81 -11.25
CA PRO B 168 22.20 16.74 -11.04
C PRO B 168 21.72 17.45 -12.30
N ASN B 169 22.56 17.59 -13.32
CA ASN B 169 22.17 18.27 -14.55
C ASN B 169 21.79 17.29 -15.66
N SER B 170 21.52 16.04 -15.32
CA SER B 170 21.20 15.05 -16.34
C SER B 170 19.92 15.42 -17.08
N PHE B 171 19.94 15.18 -18.39
CA PHE B 171 18.73 15.36 -19.20
C PHE B 171 17.56 14.54 -18.66
N TRP B 172 17.83 13.36 -18.09
CA TRP B 172 16.77 12.46 -17.67
C TRP B 172 16.37 12.62 -16.21
N GLN B 173 16.86 13.65 -15.52
CA GLN B 173 16.48 13.86 -14.13
C GLN B 173 14.98 13.89 -13.87
N PRO B 174 14.13 14.50 -14.71
CA PRO B 174 12.68 14.48 -14.41
C PRO B 174 12.10 13.07 -14.40
N TYR B 175 12.63 12.17 -15.24
CA TYR B 175 12.20 10.78 -15.22
C TYR B 175 12.73 10.06 -13.98
N ILE B 176 14.02 10.24 -13.67
CA ILE B 176 14.61 9.49 -12.56
C ILE B 176 13.99 9.89 -11.23
N GLN B 177 13.66 11.17 -11.08
CA GLN B 177 13.09 11.62 -9.81
C GLN B 177 11.67 11.16 -9.60
N THR B 178 10.99 10.64 -10.62
CA THR B 178 9.66 10.08 -10.47
C THR B 178 9.66 8.54 -10.39
N LEU B 179 10.81 7.90 -10.49
CA LEU B 179 10.84 6.44 -10.38
C LEU B 179 10.52 6.03 -8.95
N PRO B 180 10.08 4.79 -8.75
CA PRO B 180 9.95 4.27 -7.38
C PRO B 180 11.31 4.26 -6.68
N SER B 181 11.26 4.22 -5.35
CA SER B 181 12.47 4.06 -4.53
C SER B 181 12.66 2.64 -4.03
N GLU B 182 11.63 1.81 -4.11
CA GLU B 182 11.66 0.43 -3.68
C GLU B 182 10.78 -0.37 -4.63
N TYR B 183 11.00 -1.67 -4.66
CA TYR B 183 10.25 -2.59 -5.52
C TYR B 183 9.85 -3.81 -4.69
N ASP B 184 9.01 -4.64 -5.27
CA ASP B 184 8.60 -5.90 -4.65
C ASP B 184 9.17 -7.11 -5.41
N THR B 185 10.30 -6.95 -6.12
CA THR B 185 11.00 -8.11 -6.64
C THR B 185 11.55 -8.90 -5.46
N PRO B 186 11.85 -10.19 -5.65
CA PRO B 186 12.36 -10.99 -4.54
C PRO B 186 13.67 -10.50 -3.96
N LEU B 187 14.40 -9.65 -4.68
CA LEU B 187 15.59 -9.01 -4.09
C LEU B 187 15.25 -8.25 -2.81
N TYR B 188 13.99 -7.81 -2.67
CA TYR B 188 13.57 -7.07 -1.49
C TYR B 188 12.86 -7.93 -0.44
N PHE B 189 12.69 -9.24 -0.68
CA PHE B 189 11.97 -10.09 0.27
C PHE B 189 12.81 -10.34 1.51
N GLU B 190 12.12 -10.55 2.64
CA GLU B 190 12.77 -11.13 3.82
C GLU B 190 13.03 -12.61 3.59
N GLU B 191 13.96 -13.17 4.39
CA GLU B 191 14.33 -14.56 4.24
C GLU B 191 13.14 -15.49 4.44
N ASP B 192 12.31 -15.18 5.44
CA ASP B 192 11.16 -16.04 5.69
C ASP B 192 10.08 -15.89 4.62
N GLU B 193 10.10 -14.79 3.86
CA GLU B 193 9.18 -14.67 2.72
C GLU B 193 9.62 -15.55 1.55
N VAL B 194 10.94 -15.62 1.27
CA VAL B 194 11.43 -16.54 0.25
C VAL B 194 11.26 -17.98 0.71
N ARG B 195 11.30 -18.21 2.02
CA ARG B 195 11.24 -19.57 2.55
C ARG B 195 9.93 -20.27 2.16
N TYR B 196 8.84 -19.52 1.99
CA TYR B 196 7.59 -20.11 1.51
C TYR B 196 7.77 -20.84 0.18
N LEU B 197 8.79 -20.47 -0.60
CA LEU B 197 8.98 -21.04 -1.92
C LEU B 197 9.82 -22.32 -1.92
N GLN B 198 10.25 -22.79 -0.76
CA GLN B 198 11.05 -24.02 -0.72
C GLN B 198 10.27 -25.14 -1.39
N SER B 199 10.98 -25.93 -2.21
CA SER B 199 10.52 -27.08 -3.00
C SER B 199 9.78 -26.70 -4.29
N THR B 200 9.65 -25.42 -4.63
CA THR B 200 9.01 -25.05 -5.89
C THR B 200 10.03 -25.00 -7.04
N GLN B 201 9.49 -24.86 -8.26
CA GLN B 201 10.34 -24.54 -9.40
C GLN B 201 10.90 -23.14 -9.29
N ALA B 202 10.06 -22.19 -8.86
CA ALA B 202 10.42 -20.78 -8.92
C ALA B 202 11.61 -20.44 -8.03
N ILE B 203 11.77 -21.13 -6.90
CA ILE B 203 12.79 -20.67 -5.94
C ILE B 203 14.18 -20.70 -6.55
N HIS B 204 14.46 -21.62 -7.49
CA HIS B 204 15.79 -21.62 -8.09
C HIS B 204 16.07 -20.33 -8.85
N ASP B 205 15.07 -19.79 -9.56
CA ASP B 205 15.26 -18.50 -10.20
C ASP B 205 15.42 -17.38 -9.18
N VAL B 206 14.76 -17.50 -8.03
CA VAL B 206 14.99 -16.53 -6.95
C VAL B 206 16.44 -16.61 -6.47
N PHE B 207 16.93 -17.83 -6.21
CA PHE B 207 18.34 -18.02 -5.87
C PHE B 207 19.27 -17.39 -6.91
N SER B 208 19.02 -17.69 -8.19
CA SER B 208 19.92 -17.21 -9.23
C SER B 208 19.90 -15.69 -9.29
N GLN B 209 18.72 -15.10 -9.21
CA GLN B 209 18.61 -13.65 -9.19
C GLN B 209 19.43 -13.05 -8.06
N TYR B 210 19.34 -13.63 -6.86
CA TYR B 210 20.04 -13.04 -5.73
C TYR B 210 21.55 -13.18 -5.90
N LYS B 211 22.00 -14.36 -6.31
CA LYS B 211 23.43 -14.58 -6.51
C LYS B 211 23.98 -13.77 -7.67
N ASN B 212 23.26 -13.71 -8.79
CA ASN B 212 23.66 -12.84 -9.91
C ASN B 212 23.84 -11.41 -9.46
N THR B 213 22.84 -10.88 -8.74
CA THR B 213 22.87 -9.47 -8.36
C THR B 213 24.01 -9.18 -7.38
N ALA B 214 24.20 -10.06 -6.40
CA ALA B 214 25.29 -9.87 -5.44
C ALA B 214 26.66 -9.98 -6.12
N ARG B 215 26.83 -10.99 -6.97
CA ARG B 215 28.08 -11.11 -7.73
C ARG B 215 28.34 -9.86 -8.57
N GLN B 216 27.32 -9.37 -9.28
CA GLN B 216 27.50 -8.19 -10.13
C GLN B 216 27.85 -6.96 -9.31
N TYR B 217 27.21 -6.79 -8.16
CA TYR B 217 27.52 -5.63 -7.31
C TYR B 217 28.99 -5.65 -6.90
N ALA B 218 29.46 -6.80 -6.39
CA ALA B 218 30.84 -6.91 -5.94
C ALA B 218 31.80 -6.75 -7.12
N TYR B 219 31.51 -7.41 -8.24
CA TYR B 219 32.33 -7.27 -9.43
C TYR B 219 32.49 -5.81 -9.84
N PHE B 220 31.36 -5.10 -10.00
CA PHE B 220 31.47 -3.72 -10.47
C PHE B 220 32.02 -2.78 -9.41
N TYR B 221 31.81 -3.09 -8.13
CA TYR B 221 32.44 -2.30 -7.08
C TYR B 221 33.96 -2.29 -7.25
N LYS B 222 34.54 -3.47 -7.51
CA LYS B 222 35.98 -3.57 -7.70
C LYS B 222 36.40 -2.95 -9.03
N VAL B 223 35.64 -3.19 -10.10
CA VAL B 223 35.96 -2.64 -11.42
C VAL B 223 35.97 -1.11 -11.36
N ILE B 224 34.98 -0.51 -10.69
CA ILE B 224 34.96 0.95 -10.59
C ILE B 224 36.20 1.45 -9.86
N GLN B 225 36.69 0.69 -8.88
CA GLN B 225 37.88 1.12 -8.16
C GLN B 225 39.14 0.99 -9.03
N THR B 226 39.22 -0.05 -9.86
CA THR B 226 40.47 -0.36 -10.55
C THR B 226 40.57 0.24 -11.94
N HIS B 227 39.46 0.62 -12.56
CA HIS B 227 39.54 1.04 -13.95
C HIS B 227 39.73 2.56 -14.04
N PRO B 228 40.69 3.04 -14.83
CA PRO B 228 40.84 4.49 -14.99
C PRO B 228 39.68 5.14 -15.73
N HIS B 229 39.02 4.39 -16.62
CA HIS B 229 37.87 4.90 -17.37
C HIS B 229 36.66 5.15 -16.48
N ALA B 230 36.69 4.70 -15.22
CA ALA B 230 35.61 4.98 -14.28
C ALA B 230 35.91 6.17 -13.39
N ASN B 231 36.98 6.92 -13.65
CA ASN B 231 37.39 7.98 -12.74
C ASN B 231 36.41 9.15 -12.74
N LYS B 232 35.72 9.40 -13.85
CA LYS B 232 34.77 10.50 -13.92
C LYS B 232 33.37 10.12 -13.43
N LEU B 233 33.12 8.84 -13.18
CA LEU B 233 31.79 8.41 -12.77
C LEU B 233 31.51 8.90 -11.34
N PRO B 234 30.30 9.40 -11.08
CA PRO B 234 29.92 9.66 -9.68
C PRO B 234 29.92 8.40 -8.83
N LEU B 235 29.82 7.23 -9.44
CA LEU B 235 29.88 5.98 -8.70
C LEU B 235 31.24 5.75 -8.08
N LYS B 236 32.28 6.42 -8.60
CA LYS B 236 33.60 6.34 -7.98
C LYS B 236 33.56 6.85 -6.55
N ASP B 237 32.71 7.84 -6.28
CA ASP B 237 32.61 8.39 -4.92
C ASP B 237 31.67 7.59 -4.04
N SER B 238 30.63 6.98 -4.58
CA SER B 238 29.67 6.24 -3.76
C SER B 238 28.89 5.26 -4.64
N PHE B 239 28.91 3.98 -4.25
CA PHE B 239 28.20 2.94 -4.99
C PHE B 239 27.83 1.86 -3.98
N THR B 240 26.60 1.89 -3.49
CA THR B 240 26.15 0.99 -2.44
C THR B 240 25.38 -0.19 -3.03
N TYR B 241 25.24 -1.25 -2.22
CA TYR B 241 24.41 -2.36 -2.66
C TYR B 241 23.00 -1.88 -2.97
N GLU B 242 22.48 -0.99 -2.14
CA GLU B 242 21.13 -0.48 -2.35
C GLU B 242 21.01 0.18 -3.72
N ASP B 243 22.03 0.96 -4.11
CA ASP B 243 22.07 1.55 -5.45
C ASP B 243 21.84 0.50 -6.52
N TYR B 244 22.62 -0.59 -6.45
CA TYR B 244 22.59 -1.58 -7.51
C TYR B 244 21.29 -2.36 -7.50
N ARG B 245 20.81 -2.73 -6.31
CA ARG B 245 19.52 -3.42 -6.22
C ARG B 245 18.40 -2.56 -6.79
N TRP B 246 18.41 -1.26 -6.47
CA TRP B 246 17.41 -0.34 -7.02
C TRP B 246 17.53 -0.24 -8.54
N ALA B 247 18.75 -0.15 -9.06
CA ALA B 247 18.93 0.07 -10.49
C ALA B 247 18.50 -1.16 -11.29
N VAL B 248 18.93 -2.35 -10.88
CA VAL B 248 18.55 -3.53 -11.64
C VAL B 248 17.06 -3.81 -11.49
N SER B 249 16.47 -3.47 -10.34
CA SER B 249 15.03 -3.66 -10.18
C SER B 249 14.26 -2.66 -11.04
N SER B 250 14.78 -1.44 -11.15
CA SER B 250 14.14 -0.46 -12.03
C SER B 250 14.14 -0.96 -13.46
N VAL B 251 15.26 -1.53 -13.92
CA VAL B 251 15.38 -2.02 -15.28
C VAL B 251 14.53 -3.26 -15.50
N MET B 252 14.62 -4.24 -14.59
CA MET B 252 13.88 -5.47 -14.86
CA MET B 252 13.88 -5.49 -14.76
C MET B 252 12.37 -5.27 -14.84
N THR B 253 11.86 -4.34 -14.03
CA THR B 253 10.42 -4.15 -14.01
C THR B 253 9.92 -3.24 -15.13
N ARG B 254 10.80 -2.53 -15.85
CA ARG B 254 10.33 -1.50 -16.77
C ARG B 254 10.93 -1.56 -18.18
N GLN B 255 12.00 -2.31 -18.40
CA GLN B 255 12.71 -2.22 -19.68
C GLN B 255 11.92 -2.86 -20.81
N VAL B 256 12.21 -2.41 -22.03
CA VAL B 256 11.56 -2.87 -23.24
C VAL B 256 12.63 -3.06 -24.31
N GLN B 257 12.25 -3.78 -25.35
CA GLN B 257 13.06 -3.90 -26.56
C GLN B 257 12.45 -3.03 -27.64
N ILE B 258 13.28 -2.21 -28.30
CA ILE B 258 12.83 -1.39 -29.42
C ILE B 258 13.84 -1.53 -30.56
N PRO B 259 13.45 -1.17 -31.78
CA PRO B 259 14.44 -1.11 -32.86
C PRO B 259 15.39 0.07 -32.68
N THR B 260 16.60 -0.08 -33.21
CA THR B 260 17.51 1.06 -33.25
C THR B 260 16.97 2.10 -34.24
N GLU B 261 17.60 3.29 -34.23
CA GLU B 261 17.15 4.34 -35.14
C GLU B 261 17.31 3.91 -36.59
N ASP B 262 18.38 3.18 -36.91
CA ASP B 262 18.57 2.66 -38.25
C ASP B 262 17.56 1.59 -38.62
N GLY B 263 16.92 0.96 -37.63
CA GLY B 263 15.94 -0.08 -37.89
C GLY B 263 16.52 -1.46 -38.12
N SER B 264 17.84 -1.62 -38.07
CA SER B 264 18.46 -2.89 -38.43
C SER B 264 18.60 -3.84 -37.25
N ARG B 265 18.78 -3.32 -36.04
CA ARG B 265 19.00 -4.14 -34.86
C ARG B 265 18.01 -3.74 -33.78
N VAL B 266 18.02 -4.46 -32.66
CA VAL B 266 17.16 -4.14 -31.53
C VAL B 266 18.02 -3.75 -30.35
N THR B 267 17.45 -2.94 -29.47
CA THR B 267 18.14 -2.47 -28.29
C THR B 267 17.16 -2.43 -27.13
N LEU B 268 17.71 -2.41 -25.92
CA LEU B 268 16.90 -2.30 -24.71
C LEU B 268 16.73 -0.84 -24.32
N ALA B 269 15.59 -0.51 -23.72
CA ALA B 269 15.33 0.88 -23.39
C ALA B 269 14.39 1.00 -22.20
N LEU B 270 14.37 2.20 -21.64
CA LEU B 270 13.37 2.64 -20.66
C LEU B 270 12.56 3.75 -21.30
N ILE B 271 11.24 3.68 -21.17
CA ILE B 271 10.35 4.62 -21.86
C ILE B 271 9.63 5.50 -20.82
N PRO B 272 10.04 6.74 -20.63
CA PRO B 272 9.38 7.58 -19.63
C PRO B 272 7.92 7.81 -19.96
N LEU B 273 7.15 8.10 -18.89
CA LEU B 273 5.73 8.48 -18.96
C LEU B 273 4.85 7.27 -19.27
N TRP B 274 5.07 6.65 -20.44
CA TRP B 274 4.37 5.41 -20.76
C TRP B 274 4.58 4.34 -19.69
N ASP B 275 5.77 4.27 -19.10
CA ASP B 275 5.96 3.16 -18.17
C ASP B 275 5.35 3.45 -16.79
N MET B 276 4.48 4.46 -16.68
CA MET B 276 3.59 4.56 -15.52
C MET B 276 2.33 3.71 -15.66
N CYS B 277 2.08 3.10 -16.81
CA CYS B 277 0.87 2.29 -16.99
C CYS B 277 1.01 0.95 -16.29
N ASN B 278 -0.02 0.55 -15.55
CA ASN B 278 -0.07 -0.76 -14.92
C ASN B 278 -0.73 -1.80 -15.85
N HIS B 279 -0.64 -3.07 -15.44
CA HIS B 279 -0.93 -4.24 -16.28
C HIS B 279 -2.34 -4.76 -16.06
N THR B 280 -2.98 -5.18 -17.14
CA THR B 280 -4.21 -5.95 -17.09
C THR B 280 -4.18 -6.94 -18.25
N ASN B 281 -5.09 -7.91 -18.22
CA ASN B 281 -5.09 -8.91 -19.27
C ASN B 281 -5.62 -8.31 -20.58
N GLY B 282 -5.12 -8.81 -21.69
CA GLY B 282 -5.48 -8.30 -23.01
C GLY B 282 -4.42 -8.65 -24.03
N LEU B 283 -4.21 -7.73 -24.98
CA LEU B 283 -3.23 -7.87 -26.04
C LEU B 283 -2.30 -6.68 -26.04
N ILE B 284 -1.09 -6.86 -26.62
CA ILE B 284 -0.15 -5.76 -26.76
C ILE B 284 -0.75 -4.70 -27.67
N THR B 285 -0.83 -3.46 -27.18
CA THR B 285 -1.28 -2.33 -27.99
C THR B 285 -0.24 -1.23 -28.06
N THR B 286 0.99 -1.50 -27.66
CA THR B 286 2.09 -0.55 -27.74
C THR B 286 3.07 -1.01 -28.80
N GLY B 287 3.45 -0.10 -29.69
CA GLY B 287 4.39 -0.44 -30.75
C GLY B 287 5.28 0.74 -31.03
N TYR B 288 6.40 0.46 -31.67
CA TYR B 288 7.33 1.52 -32.04
C TYR B 288 7.06 1.95 -33.48
N ASN B 289 7.00 3.26 -33.69
CA ASN B 289 6.77 3.87 -34.99
C ASN B 289 8.11 4.41 -35.48
N LEU B 290 8.71 3.72 -36.45
CA LEU B 290 10.02 4.14 -36.93
C LEU B 290 9.95 5.38 -37.82
N GLU B 291 8.86 5.55 -38.57
CA GLU B 291 8.72 6.73 -39.42
C GLU B 291 8.77 8.01 -38.61
N ASP B 292 8.03 8.05 -37.50
CA ASP B 292 8.02 9.21 -36.61
C ASP B 292 9.01 9.10 -35.45
N ASP B 293 9.66 7.94 -35.29
CA ASP B 293 10.66 7.69 -34.25
C ASP B 293 10.07 7.93 -32.85
N ARG B 294 9.01 7.19 -32.54
CA ARG B 294 8.40 7.33 -31.23
C ARG B 294 7.65 6.07 -30.87
N CYS B 295 7.54 5.83 -29.57
CA CYS B 295 6.68 4.77 -29.07
CA CYS B 295 6.68 4.78 -29.06
C CYS B 295 5.24 5.24 -29.11
N GLU B 296 4.34 4.36 -29.51
CA GLU B 296 2.93 4.72 -29.64
C GLU B 296 2.08 3.69 -28.91
N CYS B 297 1.13 4.17 -28.12
CA CYS B 297 0.24 3.30 -27.35
C CYS B 297 -1.20 3.64 -27.69
N VAL B 298 -1.95 2.64 -28.15
CA VAL B 298 -3.39 2.81 -28.38
C VAL B 298 -4.13 2.11 -27.24
N ALA B 299 -5.33 2.60 -26.96
CA ALA B 299 -6.08 2.15 -25.79
C ALA B 299 -6.51 0.69 -25.96
N LEU B 300 -6.20 -0.12 -24.94
CA LEU B 300 -6.56 -1.53 -24.96
C LEU B 300 -8.06 -1.74 -24.89
N GLN B 301 -8.78 -0.83 -24.26
CA GLN B 301 -10.23 -0.90 -24.12
C GLN B 301 -10.72 0.52 -23.91
N ASP B 302 -12.05 0.70 -23.86
CA ASP B 302 -12.59 2.02 -23.50
C ASP B 302 -12.21 2.35 -22.07
N PHE B 303 -11.72 3.58 -21.85
CA PHE B 303 -11.43 4.09 -20.51
C PHE B 303 -12.26 5.35 -20.28
N ARG B 304 -13.25 5.27 -19.39
CA ARG B 304 -14.02 6.44 -19.02
C ARG B 304 -13.18 7.36 -18.13
N ALA B 305 -13.49 8.66 -18.20
CA ALA B 305 -12.84 9.61 -17.31
C ALA B 305 -12.96 9.12 -15.86
N GLY B 306 -11.83 9.10 -15.15
CA GLY B 306 -11.80 8.60 -13.79
C GLY B 306 -11.48 7.13 -13.66
N GLU B 307 -11.26 6.41 -14.77
CA GLU B 307 -10.84 5.02 -14.74
C GLU B 307 -9.34 4.92 -14.95
N GLN B 308 -8.70 3.98 -14.27
CA GLN B 308 -7.29 3.74 -14.51
C GLN B 308 -7.04 3.25 -15.94
N ILE B 309 -6.01 3.79 -16.54
CA ILE B 309 -5.54 3.34 -17.85
C ILE B 309 -4.58 2.17 -17.66
N TYR B 310 -4.93 1.00 -18.21
CA TYR B 310 -4.04 -0.16 -18.17
C TYR B 310 -3.51 -0.48 -19.56
N ILE B 311 -2.41 -1.22 -19.60
CA ILE B 311 -1.92 -1.86 -20.82
C ILE B 311 -1.70 -3.33 -20.51
N PHE B 312 -1.47 -4.11 -21.56
CA PHE B 312 -1.07 -5.51 -21.41
C PHE B 312 0.44 -5.58 -21.54
N TYR B 313 1.11 -6.05 -20.48
CA TYR B 313 2.58 -6.05 -20.48
C TYR B 313 3.15 -7.07 -21.46
N GLY B 314 2.48 -8.20 -21.60
CA GLY B 314 3.01 -9.31 -22.40
C GLY B 314 2.63 -10.64 -21.78
N THR B 315 2.86 -11.71 -22.56
CA THR B 315 2.31 -13.04 -22.22
C THR B 315 3.20 -13.82 -21.25
N ARG B 316 3.49 -13.21 -20.11
CA ARG B 316 4.40 -13.84 -19.15
C ARG B 316 3.64 -14.62 -18.09
N SER B 317 4.37 -15.56 -17.48
CA SER B 317 3.87 -16.39 -16.40
C SER B 317 3.88 -15.61 -15.09
N ASN B 318 3.20 -16.16 -14.08
CA ASN B 318 3.22 -15.47 -12.79
C ASN B 318 4.58 -15.56 -12.13
N ALA B 319 5.34 -16.63 -12.39
N ALA B 319 5.34 -16.63 -12.39
CA ALA B 319 6.71 -16.69 -11.89
CA ALA B 319 6.71 -16.69 -11.89
C ALA B 319 7.55 -15.55 -12.45
C ALA B 319 7.55 -15.55 -12.45
N GLU B 320 7.38 -15.26 -13.75
CA GLU B 320 8.09 -14.12 -14.34
C GLU B 320 7.55 -12.80 -13.79
N PHE B 321 6.23 -12.69 -13.59
CA PHE B 321 5.71 -11.44 -13.05
C PHE B 321 6.26 -11.19 -11.64
N VAL B 322 6.31 -12.22 -10.80
CA VAL B 322 6.84 -12.06 -9.45
C VAL B 322 8.34 -11.74 -9.49
N ILE B 323 9.11 -12.56 -10.20
CA ILE B 323 10.57 -12.45 -10.08
C ILE B 323 11.09 -11.23 -10.81
N HIS B 324 10.56 -10.95 -12.01
CA HIS B 324 11.09 -9.86 -12.81
C HIS B 324 10.25 -8.59 -12.76
N SER B 325 8.95 -8.68 -12.43
CA SER B 325 8.10 -7.50 -12.36
C SER B 325 7.70 -7.12 -10.96
N GLY B 326 7.87 -7.99 -9.98
CA GLY B 326 7.51 -7.66 -8.61
C GLY B 326 6.02 -7.62 -8.32
N PHE B 327 5.21 -8.38 -9.05
CA PHE B 327 3.82 -8.53 -8.61
C PHE B 327 3.30 -9.88 -9.08
N PHE B 328 2.26 -10.35 -8.39
CA PHE B 328 1.52 -11.53 -8.80
C PHE B 328 0.21 -11.07 -9.42
N PHE B 329 -0.11 -11.57 -10.60
CA PHE B 329 -1.32 -11.17 -11.30
C PHE B 329 -2.37 -12.27 -11.17
N ASP B 330 -3.44 -11.99 -10.43
CA ASP B 330 -4.56 -12.92 -10.40
C ASP B 330 -5.18 -13.02 -11.79
N ASN B 331 -5.69 -14.20 -12.14
CA ASN B 331 -6.28 -14.43 -13.45
C ASN B 331 -5.30 -14.08 -14.59
N ASN B 332 -4.06 -14.51 -14.44
CA ASN B 332 -3.13 -14.49 -15.56
C ASN B 332 -3.50 -15.65 -16.48
N SER B 333 -4.03 -15.35 -17.65
CA SER B 333 -4.44 -16.37 -18.60
CA SER B 333 -4.44 -16.40 -18.57
C SER B 333 -3.26 -17.02 -19.31
N HIS B 334 -2.05 -16.54 -19.11
CA HIS B 334 -0.87 -17.08 -19.76
C HIS B 334 0.05 -17.79 -18.78
N ASP B 335 -0.47 -18.16 -17.62
CA ASP B 335 0.38 -18.77 -16.62
C ASP B 335 0.87 -20.14 -17.08
N ARG B 336 2.05 -20.53 -16.59
CA ARG B 336 2.64 -21.79 -17.01
C ARG B 336 3.71 -22.20 -16.02
N VAL B 337 4.01 -23.50 -16.00
CA VAL B 337 5.14 -24.06 -15.27
C VAL B 337 6.02 -24.80 -16.27
N LYS B 338 7.22 -25.16 -15.82
CA LYS B 338 8.16 -25.90 -16.65
C LYS B 338 8.01 -27.39 -16.43
N ILE B 339 8.40 -28.17 -17.45
CA ILE B 339 8.55 -29.61 -17.29
C ILE B 339 9.71 -30.07 -18.17
N LYS B 340 10.72 -30.68 -17.55
CA LYS B 340 11.91 -31.10 -18.27
C LYS B 340 11.74 -32.56 -18.70
N LEU B 341 11.98 -32.82 -19.98
CA LEU B 341 11.78 -34.14 -20.56
C LEU B 341 12.89 -34.40 -21.57
N GLY B 342 13.25 -35.67 -21.72
CA GLY B 342 14.23 -36.06 -22.70
C GLY B 342 14.19 -37.54 -22.97
N VAL B 343 14.58 -37.93 -24.17
CA VAL B 343 14.71 -39.34 -24.49
C VAL B 343 15.95 -39.88 -23.78
N SER B 344 15.79 -41.02 -23.10
CA SER B 344 16.88 -41.59 -22.33
C SER B 344 17.86 -42.33 -23.24
N LYS B 345 19.16 -42.13 -22.98
CA LYS B 345 20.17 -42.84 -23.76
C LYS B 345 20.15 -44.34 -23.53
N SER B 346 19.47 -44.81 -22.48
CA SER B 346 19.27 -46.23 -22.24
C SER B 346 18.11 -46.82 -23.04
N ASP B 347 17.25 -45.97 -23.61
CA ASP B 347 16.19 -46.43 -24.49
C ASP B 347 16.78 -47.10 -25.72
N ARG B 348 16.34 -48.33 -26.00
CA ARG B 348 16.87 -49.03 -27.16
C ARG B 348 16.48 -48.36 -28.47
N LEU B 349 15.45 -47.52 -28.46
CA LEU B 349 15.05 -46.76 -29.64
C LEU B 349 15.56 -45.33 -29.62
N TYR B 350 16.57 -45.03 -28.79
CA TYR B 350 17.09 -43.68 -28.70
C TYR B 350 17.47 -43.09 -30.05
N ALA B 351 18.26 -43.85 -30.83
CA ALA B 351 18.75 -43.35 -32.10
C ALA B 351 17.60 -42.96 -33.03
N MET B 352 16.60 -43.83 -33.14
CA MET B 352 15.46 -43.52 -34.01
C MET B 352 14.69 -42.32 -33.50
N LYS B 353 14.42 -42.29 -32.19
CA LYS B 353 13.65 -41.19 -31.63
C LYS B 353 14.38 -39.86 -31.80
N ALA B 354 15.68 -39.84 -31.50
CA ALA B 354 16.47 -38.62 -31.64
C ALA B 354 16.44 -38.12 -33.08
N GLU B 355 16.45 -39.03 -34.05
CA GLU B 355 16.46 -38.61 -35.45
C GLU B 355 15.11 -38.05 -35.88
N VAL B 356 14.00 -38.71 -35.48
CA VAL B 356 12.69 -38.15 -35.76
C VAL B 356 12.55 -36.77 -35.15
N LEU B 357 12.99 -36.63 -33.89
CA LEU B 357 12.92 -35.32 -33.26
C LEU B 357 13.76 -34.29 -34.02
N ALA B 358 14.97 -34.69 -34.44
CA ALA B 358 15.82 -33.77 -35.18
C ALA B 358 15.16 -33.35 -36.49
N ARG B 359 14.57 -34.31 -37.22
CA ARG B 359 13.89 -33.94 -38.46
C ARG B 359 12.69 -33.04 -38.20
N ALA B 360 12.10 -33.11 -37.01
CA ALA B 360 10.99 -32.23 -36.64
C ALA B 360 11.46 -30.91 -36.04
N GLY B 361 12.76 -30.71 -35.83
CA GLY B 361 13.25 -29.49 -35.23
C GLY B 361 13.07 -29.41 -33.74
N ILE B 362 13.13 -30.54 -33.04
CA ILE B 362 12.91 -30.59 -31.60
C ILE B 362 14.14 -31.21 -30.95
N PRO B 363 14.66 -30.66 -29.86
CA PRO B 363 15.82 -31.28 -29.21
C PRO B 363 15.46 -32.63 -28.59
N THR B 364 16.50 -33.43 -28.37
N THR B 364 16.50 -33.43 -28.35
CA THR B 364 16.31 -34.73 -27.71
CA THR B 364 16.31 -34.73 -27.71
C THR B 364 15.95 -34.56 -26.24
C THR B 364 15.97 -34.57 -26.24
N SER B 365 16.37 -33.46 -25.63
CA SER B 365 16.06 -33.16 -24.23
C SER B 365 15.82 -31.66 -24.15
N SER B 366 14.79 -31.26 -23.40
CA SER B 366 14.49 -29.83 -23.33
C SER B 366 13.62 -29.56 -22.12
N VAL B 367 13.43 -28.28 -21.84
CA VAL B 367 12.48 -27.80 -20.85
C VAL B 367 11.26 -27.31 -21.62
N PHE B 368 10.14 -27.98 -21.42
CA PHE B 368 8.88 -27.63 -22.06
C PHE B 368 8.01 -26.84 -21.07
N ALA B 369 6.82 -26.46 -21.51
CA ALA B 369 5.88 -25.74 -20.66
C ALA B 369 4.59 -26.52 -20.53
N LEU B 370 4.00 -26.48 -19.33
CA LEU B 370 2.62 -26.87 -19.10
C LEU B 370 1.84 -25.59 -18.84
N HIS B 371 0.77 -25.38 -19.60
CA HIS B 371 -0.05 -24.17 -19.50
C HIS B 371 -1.33 -24.43 -18.72
N PHE B 372 -1.92 -23.35 -18.20
CA PHE B 372 -3.19 -23.47 -17.50
C PHE B 372 -4.40 -23.41 -18.43
N THR B 373 -4.23 -22.97 -19.67
CA THR B 373 -5.36 -22.81 -20.59
C THR B 373 -5.81 -24.16 -21.16
N GLU B 374 -6.79 -24.09 -22.08
CA GLU B 374 -7.50 -25.29 -22.52
C GLU B 374 -6.59 -26.34 -23.14
N PRO B 375 -5.65 -26.00 -24.03
CA PRO B 375 -4.61 -26.98 -24.39
C PRO B 375 -3.46 -26.89 -23.39
N PRO B 376 -3.26 -27.92 -22.57
CA PRO B 376 -2.19 -27.85 -21.56
C PRO B 376 -0.79 -27.91 -22.17
N ILE B 377 -0.64 -28.48 -23.36
CA ILE B 377 0.68 -28.61 -23.95
C ILE B 377 0.68 -27.96 -25.33
N SER B 378 1.86 -27.46 -25.72
CA SER B 378 2.07 -26.84 -27.01
C SER B 378 2.18 -27.90 -28.09
N ALA B 379 2.18 -27.45 -29.35
CA ALA B 379 2.44 -28.35 -30.46
C ALA B 379 3.79 -29.01 -30.31
N GLN B 380 4.79 -28.27 -29.86
CA GLN B 380 6.13 -28.83 -29.72
C GLN B 380 6.16 -29.92 -28.66
N LEU B 381 5.51 -29.70 -27.52
CA LEU B 381 5.46 -30.73 -26.49
C LEU B 381 4.64 -31.93 -26.94
N LEU B 382 3.54 -31.71 -27.67
CA LEU B 382 2.76 -32.85 -28.16
C LEU B 382 3.60 -33.70 -29.09
N ALA B 383 4.30 -33.05 -30.02
CA ALA B 383 5.15 -33.78 -30.95
C ALA B 383 6.24 -34.55 -30.22
N PHE B 384 6.85 -33.93 -29.21
CA PHE B 384 7.85 -34.65 -28.42
C PHE B 384 7.27 -35.89 -27.76
N LEU B 385 6.11 -35.76 -27.11
CA LEU B 385 5.53 -36.89 -26.38
C LEU B 385 5.11 -38.01 -27.32
N ARG B 386 4.61 -37.66 -28.51
CA ARG B 386 4.27 -38.68 -29.50
C ARG B 386 5.50 -39.51 -29.85
N VAL B 387 6.63 -38.85 -30.17
CA VAL B 387 7.85 -39.56 -30.53
C VAL B 387 8.37 -40.36 -29.35
N PHE B 388 8.36 -39.74 -28.16
CA PHE B 388 8.78 -40.39 -26.93
C PHE B 388 8.07 -41.71 -26.68
N CYS B 389 6.80 -41.84 -27.08
CA CYS B 389 6.03 -43.06 -26.90
C CYS B 389 5.90 -43.92 -28.16
N MET B 390 6.62 -43.59 -29.24
CA MET B 390 6.45 -44.34 -30.48
C MET B 390 7.07 -45.73 -30.39
N THR B 391 6.40 -46.70 -31.01
CA THR B 391 6.99 -48.02 -31.27
C THR B 391 8.00 -47.94 -32.41
N GLU B 392 8.78 -49.01 -32.56
CA GLU B 392 9.77 -49.05 -33.64
C GLU B 392 9.11 -48.93 -35.01
N GLU B 393 7.98 -49.63 -35.21
CA GLU B 393 7.27 -49.54 -36.47
C GLU B 393 6.80 -48.11 -36.75
N GLU B 394 6.30 -47.42 -35.73
CA GLU B 394 5.86 -46.06 -35.94
C GLU B 394 7.04 -45.15 -36.29
N LEU B 395 8.17 -45.34 -35.60
CA LEU B 395 9.37 -44.55 -35.88
C LEU B 395 9.84 -44.74 -37.31
N LYS B 396 9.82 -45.98 -37.79
CA LYS B 396 10.23 -46.21 -39.18
C LYS B 396 9.31 -45.51 -40.16
N GLU B 397 8.02 -45.37 -39.82
CA GLU B 397 7.11 -44.68 -40.73
C GLU B 397 7.33 -43.17 -40.72
N HIS B 398 8.03 -42.64 -39.71
CA HIS B 398 8.41 -41.25 -39.68
C HIS B 398 9.81 -41.02 -40.21
N LEU B 399 10.53 -42.08 -40.57
CA LEU B 399 11.90 -41.98 -41.07
C LEU B 399 12.04 -42.36 -42.53
N LEU B 400 11.17 -43.21 -43.06
CA LEU B 400 11.41 -43.82 -44.36
C LEU B 400 10.21 -43.67 -45.28
N GLY B 401 10.50 -43.41 -46.56
CA GLY B 401 9.48 -43.47 -47.58
C GLY B 401 8.82 -42.14 -47.86
N ASP B 402 7.94 -42.19 -48.86
CA ASP B 402 7.41 -40.98 -49.49
C ASP B 402 6.36 -40.28 -48.63
N SER B 403 5.92 -40.87 -47.52
CA SER B 403 4.99 -40.21 -46.62
C SER B 403 5.62 -39.82 -45.29
N ALA B 404 6.93 -40.06 -45.11
CA ALA B 404 7.57 -39.79 -43.82
C ALA B 404 7.55 -38.30 -43.47
N ILE B 405 7.82 -37.44 -44.45
CA ILE B 405 7.85 -36.00 -44.16
C ILE B 405 6.44 -35.46 -43.90
N ASP B 406 5.44 -35.98 -44.63
CA ASP B 406 4.05 -35.68 -44.29
C ASP B 406 3.74 -36.05 -42.85
N ARG B 407 4.17 -37.23 -42.40
CA ARG B 407 3.89 -37.63 -41.02
C ARG B 407 4.60 -36.71 -40.03
N ILE B 408 5.85 -36.37 -40.30
CA ILE B 408 6.56 -35.40 -39.45
C ILE B 408 5.79 -34.08 -39.36
N PHE B 409 5.26 -33.62 -40.50
CA PHE B 409 4.60 -32.32 -40.58
C PHE B 409 3.41 -32.20 -39.64
N THR B 410 2.72 -33.30 -39.35
CA THR B 410 1.53 -33.27 -38.53
C THR B 410 1.81 -33.65 -37.07
N LEU B 411 3.06 -33.85 -36.70
CA LEU B 411 3.37 -34.40 -35.38
C LEU B 411 2.88 -33.51 -34.24
N GLY B 412 2.82 -32.19 -34.46
CA GLY B 412 2.36 -31.27 -33.44
C GLY B 412 0.87 -30.98 -33.46
N ASN B 413 0.11 -31.65 -34.31
CA ASN B 413 -1.29 -31.32 -34.55
C ASN B 413 -2.18 -32.31 -33.79
N SER B 414 -2.98 -31.80 -32.86
CA SER B 414 -3.84 -32.68 -32.07
CA SER B 414 -3.86 -32.67 -32.06
C SER B 414 -4.82 -33.45 -32.93
N GLU B 415 -5.17 -32.94 -34.11
CA GLU B 415 -6.18 -33.57 -34.95
C GLU B 415 -5.69 -34.83 -35.66
N PHE B 416 -4.37 -35.06 -35.74
CA PHE B 416 -3.82 -36.16 -36.53
C PHE B 416 -2.85 -36.97 -35.69
N PRO B 417 -3.37 -37.86 -34.84
CA PRO B 417 -2.49 -38.70 -34.03
C PRO B 417 -1.73 -39.71 -34.89
N VAL B 418 -0.63 -40.19 -34.31
CA VAL B 418 0.14 -41.28 -34.91
C VAL B 418 -0.69 -42.55 -34.90
N SER B 419 -1.30 -42.86 -33.75
CA SER B 419 -2.14 -44.03 -33.54
C SER B 419 -2.91 -43.79 -32.25
N TRP B 420 -4.01 -44.52 -32.07
CA TRP B 420 -4.75 -44.40 -30.81
C TRP B 420 -3.90 -44.86 -29.64
N ASP B 421 -3.13 -45.94 -29.85
CA ASP B 421 -2.26 -46.47 -28.81
C ASP B 421 -1.18 -45.47 -28.41
N ASN B 422 -0.62 -44.74 -29.38
CA ASN B 422 0.38 -43.73 -29.08
C ASN B 422 -0.19 -42.61 -28.22
N GLU B 423 -1.42 -42.18 -28.50
CA GLU B 423 -2.07 -41.16 -27.69
C GLU B 423 -2.32 -41.66 -26.26
N VAL B 424 -2.86 -42.87 -26.12
CA VAL B 424 -3.12 -43.40 -24.79
C VAL B 424 -1.84 -43.48 -23.98
N LYS B 425 -0.74 -43.91 -24.62
CA LYS B 425 0.52 -43.99 -23.90
C LYS B 425 1.03 -42.62 -23.47
N LEU B 426 0.94 -41.63 -24.36
CA LEU B 426 1.54 -40.33 -24.04
C LEU B 426 0.73 -39.61 -22.97
N TRP B 427 -0.60 -39.69 -23.02
CA TRP B 427 -1.38 -39.01 -21.98
C TRP B 427 -1.28 -39.75 -20.65
N THR B 428 -1.15 -41.08 -20.68
CA THR B 428 -0.83 -41.81 -19.46
C THR B 428 0.49 -41.33 -18.87
N PHE B 429 1.51 -41.17 -19.71
CA PHE B 429 2.80 -40.73 -19.19
C PHE B 429 2.69 -39.33 -18.59
N LEU B 430 2.04 -38.42 -19.30
CA LEU B 430 1.92 -37.06 -18.79
C LEU B 430 1.12 -37.03 -17.50
N GLU B 431 0.04 -37.83 -17.42
CA GLU B 431 -0.72 -37.89 -16.17
C GLU B 431 0.14 -38.35 -15.00
N ASP B 432 0.93 -39.41 -15.22
CA ASP B 432 1.81 -39.93 -14.19
C ASP B 432 2.89 -38.93 -13.81
N ARG B 433 3.47 -38.25 -14.81
CA ARG B 433 4.58 -37.33 -14.51
C ARG B 433 4.09 -36.08 -13.78
N ALA B 434 2.96 -35.52 -14.20
CA ALA B 434 2.42 -34.36 -13.49
C ALA B 434 2.00 -34.75 -12.08
N SER B 435 1.49 -35.98 -11.91
CA SER B 435 1.17 -36.48 -10.57
C SER B 435 2.42 -36.56 -9.71
N LEU B 436 3.50 -37.10 -10.28
CA LEU B 436 4.75 -37.20 -9.55
C LEU B 436 5.29 -35.83 -9.18
N LEU B 437 5.23 -34.87 -10.11
CA LEU B 437 5.67 -33.50 -9.82
C LEU B 437 4.90 -32.90 -8.66
N LEU B 438 3.59 -33.14 -8.60
CA LEU B 438 2.80 -32.63 -7.48
C LEU B 438 3.30 -33.17 -6.15
N LYS B 439 3.78 -34.42 -6.12
CA LYS B 439 4.21 -35.03 -4.88
C LYS B 439 5.57 -34.55 -4.39
N THR B 440 6.22 -33.64 -5.11
CA THR B 440 7.52 -33.11 -4.70
C THR B 440 7.42 -31.77 -3.97
N TYR B 441 6.21 -31.24 -3.80
CA TYR B 441 5.99 -29.98 -3.10
C TYR B 441 5.82 -30.25 -1.60
N LYS B 442 6.27 -29.30 -0.78
CA LYS B 442 6.18 -29.45 0.67
C LYS B 442 4.73 -29.34 1.17
N THR B 443 3.87 -28.62 0.45
CA THR B 443 2.50 -28.42 0.89
C THR B 443 1.54 -28.87 -0.22
N THR B 444 0.27 -29.03 0.16
CA THR B 444 -0.78 -29.30 -0.80
C THR B 444 -1.53 -28.03 -1.17
N ILE B 445 -2.29 -28.11 -2.26
CA ILE B 445 -3.14 -26.99 -2.67
C ILE B 445 -4.08 -26.58 -1.54
N GLU B 446 -4.69 -27.56 -0.87
CA GLU B 446 -5.62 -27.24 0.21
C GLU B 446 -4.91 -26.58 1.38
N GLU B 447 -3.68 -27.01 1.69
CA GLU B 447 -2.91 -26.36 2.74
C GLU B 447 -2.60 -24.91 2.38
N ASP B 448 -2.20 -24.65 1.13
CA ASP B 448 -1.92 -23.28 0.70
C ASP B 448 -3.15 -22.39 0.81
N LYS B 449 -4.31 -22.88 0.39
CA LYS B 449 -5.53 -22.09 0.50
C LYS B 449 -5.86 -21.79 1.96
N SER B 450 -5.59 -22.75 2.85
CA SER B 450 -5.81 -22.52 4.27
C SER B 450 -4.86 -21.45 4.81
N VAL B 451 -3.59 -21.48 4.38
CA VAL B 451 -2.64 -20.46 4.80
C VAL B 451 -3.13 -19.08 4.40
N LEU B 452 -3.55 -18.93 3.14
CA LEU B 452 -3.99 -17.63 2.66
C LEU B 452 -5.28 -17.17 3.36
N LYS B 453 -6.10 -18.10 3.82
CA LYS B 453 -7.36 -17.71 4.46
C LYS B 453 -7.18 -17.37 5.93
N ASN B 454 -6.28 -18.05 6.63
CA ASN B 454 -6.24 -18.01 8.09
C ASN B 454 -5.07 -17.22 8.68
N HIS B 455 -4.14 -16.75 7.86
CA HIS B 455 -3.02 -15.94 8.31
C HIS B 455 -3.10 -14.56 7.67
N ASP B 456 -2.63 -13.56 8.40
CA ASP B 456 -2.53 -12.19 7.89
C ASP B 456 -1.09 -11.96 7.41
N LEU B 457 -0.94 -11.71 6.10
CA LEU B 457 0.35 -11.80 5.43
C LEU B 457 0.70 -10.48 4.74
N SER B 458 2.00 -10.22 4.60
CA SER B 458 2.42 -9.09 3.77
C SER B 458 2.13 -9.36 2.29
N VAL B 459 2.15 -8.28 1.50
CA VAL B 459 2.03 -8.41 0.05
C VAL B 459 3.10 -9.36 -0.50
N ARG B 460 4.34 -9.20 -0.05
CA ARG B 460 5.41 -10.07 -0.55
C ARG B 460 5.20 -11.52 -0.15
N ALA B 461 4.77 -11.77 1.10
CA ALA B 461 4.49 -13.14 1.52
C ALA B 461 3.36 -13.74 0.69
N LYS B 462 2.32 -12.95 0.42
CA LYS B 462 1.20 -13.46 -0.38
C LYS B 462 1.65 -13.78 -1.80
N MET B 463 2.57 -12.99 -2.36
CA MET B 463 3.09 -13.29 -3.69
C MET B 463 3.74 -14.66 -3.69
N ALA B 464 4.53 -14.94 -2.66
CA ALA B 464 5.26 -16.20 -2.60
C ALA B 464 4.31 -17.38 -2.49
N ILE B 465 3.31 -17.26 -1.61
CA ILE B 465 2.38 -18.36 -1.40
C ILE B 465 1.48 -18.57 -2.63
N LYS B 466 0.98 -17.48 -3.21
CA LYS B 466 0.18 -17.61 -4.43
C LYS B 466 0.99 -18.25 -5.55
N LEU B 467 2.29 -17.96 -5.62
CA LEU B 467 3.13 -18.55 -6.66
C LEU B 467 3.26 -20.06 -6.47
N ARG B 468 3.53 -20.51 -5.25
CA ARG B 468 3.65 -21.95 -5.04
C ARG B 468 2.30 -22.63 -5.19
N LEU B 469 1.22 -21.95 -4.79
CA LEU B 469 -0.11 -22.49 -5.03
C LEU B 469 -0.38 -22.61 -6.52
N GLY B 470 -0.01 -21.58 -7.28
CA GLY B 470 -0.26 -21.58 -8.72
C GLY B 470 0.49 -22.66 -9.48
N GLU B 471 1.74 -22.95 -9.07
CA GLU B 471 2.47 -24.07 -9.69
C GLU B 471 1.68 -25.37 -9.53
N LYS B 472 1.22 -25.65 -8.32
CA LYS B 472 0.48 -26.89 -8.07
C LYS B 472 -0.86 -26.90 -8.80
N GLU B 473 -1.54 -25.75 -8.90
CA GLU B 473 -2.83 -25.72 -9.61
C GLU B 473 -2.66 -26.03 -11.08
N ILE B 474 -1.57 -25.56 -11.70
CA ILE B 474 -1.34 -25.90 -13.10
C ILE B 474 -1.08 -27.39 -13.25
N LEU B 475 -0.29 -27.98 -12.35
CA LEU B 475 0.00 -29.41 -12.43
C LEU B 475 -1.25 -30.25 -12.20
N GLU B 476 -2.08 -29.87 -11.22
CA GLU B 476 -3.33 -30.58 -10.98
C GLU B 476 -4.25 -30.50 -12.19
N LYS B 477 -4.34 -29.34 -12.83
CA LYS B 477 -5.15 -29.25 -14.04
C LYS B 477 -4.57 -30.11 -15.16
N ALA B 478 -3.24 -30.20 -15.26
CA ALA B 478 -2.64 -31.05 -16.28
C ALA B 478 -2.94 -32.52 -16.01
N VAL B 479 -2.97 -32.92 -14.73
CA VAL B 479 -3.31 -34.30 -14.39
C VAL B 479 -4.73 -34.61 -14.86
N LYS B 480 -5.68 -33.75 -14.51
CA LYS B 480 -7.06 -33.95 -14.94
C LYS B 480 -7.19 -33.92 -16.46
N SER B 481 -6.52 -32.96 -17.12
CA SER B 481 -6.57 -32.88 -18.57
C SER B 481 -6.03 -34.14 -19.22
N ALA B 482 -4.89 -34.63 -18.73
CA ALA B 482 -4.31 -35.85 -19.29
C ALA B 482 -5.20 -37.06 -19.03
N ALA B 483 -5.83 -37.12 -17.86
CA ALA B 483 -6.74 -38.23 -17.58
C ALA B 483 -7.93 -38.23 -18.52
N VAL B 484 -8.48 -37.04 -18.80
CA VAL B 484 -9.60 -36.91 -19.74
C VAL B 484 -9.16 -37.34 -21.14
N ASN B 485 -8.00 -36.86 -21.59
CA ASN B 485 -7.53 -37.22 -22.93
C ASN B 485 -7.25 -38.72 -23.04
N ARG B 486 -6.69 -39.32 -21.98
CA ARG B 486 -6.44 -40.76 -21.99
C ARG B 486 -7.73 -41.54 -22.23
N GLU B 487 -8.82 -41.10 -21.60
CA GLU B 487 -10.09 -41.80 -21.74
C GLU B 487 -10.70 -41.57 -23.12
N TYR B 488 -10.58 -40.36 -23.66
CA TYR B 488 -11.05 -40.09 -25.01
C TYR B 488 -10.37 -41.02 -26.01
N TYR B 489 -9.05 -41.14 -25.92
CA TYR B 489 -8.33 -41.96 -26.89
C TYR B 489 -8.47 -43.44 -26.61
N ARG B 490 -8.65 -43.83 -25.35
CA ARG B 490 -8.98 -45.22 -25.08
C ARG B 490 -10.32 -45.59 -25.69
N GLN B 491 -11.26 -44.65 -25.71
CA GLN B 491 -12.56 -44.92 -26.34
C GLN B 491 -12.40 -45.14 -27.83
N GLN B 492 -11.65 -44.27 -28.51
CA GLN B 492 -11.42 -44.42 -29.94
C GLN B 492 -10.78 -45.77 -30.26
N MET B 493 -9.91 -46.25 -29.36
CA MET B 493 -9.23 -47.52 -29.60
C MET B 493 -10.18 -48.70 -29.45
N GLU B 494 -11.01 -48.69 -28.40
CA GLU B 494 -11.93 -49.80 -28.16
C GLU B 494 -13.04 -49.84 -29.20
N GLU B 495 -13.47 -48.68 -29.70
CA GLU B 495 -14.47 -48.63 -30.76
C GLU B 495 -13.85 -48.80 -32.14
N LYS B 496 -12.53 -48.98 -32.22
CA LYS B 496 -11.80 -49.17 -33.48
C LYS B 496 -12.17 -48.07 -34.49
N ALA B 497 -12.19 -46.83 -34.01
CA ALA B 497 -12.49 -45.71 -34.88
C ALA B 497 -11.42 -45.55 -35.94
N PRO B 498 -11.79 -45.12 -37.16
CA PRO B 498 -10.79 -44.85 -38.19
C PRO B 498 -9.92 -43.67 -37.80
N LEU B 499 -8.61 -43.81 -38.04
CA LEU B 499 -7.69 -42.75 -37.72
C LEU B 499 -7.90 -41.56 -38.66
N PRO B 500 -7.87 -40.33 -38.15
CA PRO B 500 -7.84 -39.18 -39.04
C PRO B 500 -6.58 -39.19 -39.90
N LYS B 501 -6.71 -38.72 -41.13
CA LYS B 501 -5.59 -38.69 -42.05
C LYS B 501 -5.57 -37.36 -42.78
N TYR B 502 -4.40 -37.02 -43.33
CA TYR B 502 -4.23 -35.87 -44.21
C TYR B 502 -4.65 -34.55 -43.56
N THR C 1 -14.17 -1.65 35.89
CA THR C 1 -13.33 -2.12 34.81
C THR C 1 -11.90 -1.60 34.98
N LEU C 2 -11.35 -1.01 33.92
CA LEU C 2 -10.00 -0.45 33.96
C LEU C 2 -10.01 0.87 34.71
N LYS C 3 -9.05 1.02 35.63
CA LYS C 3 -8.96 2.27 36.39
C LYS C 3 -8.47 3.42 35.51
N TYR C 4 -7.51 3.15 34.62
CA TYR C 4 -6.93 4.18 33.76
C TYR C 4 -6.92 3.67 32.32
N PRO C 5 -8.10 3.57 31.69
CA PRO C 5 -8.15 3.11 30.30
C PRO C 5 -7.34 4.04 29.40
N ILE C 6 -6.65 3.44 28.43
CA ILE C 6 -5.79 4.18 27.52
C ILE C 6 -6.43 4.14 26.14
N GLU C 7 -6.66 5.32 25.56
CA GLU C 7 -7.29 5.49 24.26
C GLU C 7 -6.23 5.88 23.24
N MET C 8 -6.06 5.06 22.22
CA MET C 8 -5.05 5.32 21.19
C MET C 8 -5.49 6.49 20.32
N GLY C 9 -4.63 7.49 20.19
CA GLY C 9 -4.95 8.62 19.34
C GLY C 9 -6.06 9.49 19.91
N ILE C 10 -6.16 9.58 21.24
CA ILE C 10 -7.22 10.36 21.87
C ILE C 10 -7.26 11.77 21.28
N VAL C 11 -8.47 12.24 20.98
CA VAL C 11 -8.64 13.52 20.30
C VAL C 11 -8.40 14.66 21.28
N THR C 12 -7.55 15.60 20.89
CA THR C 12 -7.20 16.77 21.69
C THR C 12 -7.49 18.02 20.88
N ASN C 13 -7.51 19.16 21.58
CA ASN C 13 -7.75 20.45 20.95
C ASN C 13 -6.42 21.03 20.48
N TRP C 14 -6.31 21.31 19.18
CA TRP C 14 -5.09 21.90 18.62
C TRP C 14 -5.23 23.40 18.34
N ASP C 15 -6.37 24.00 18.68
CA ASP C 15 -6.60 25.43 18.42
C ASP C 15 -5.92 26.26 19.50
N ASP C 16 -4.70 26.73 19.20
CA ASP C 16 -3.96 27.56 20.13
C ASP C 16 -4.64 28.91 20.35
N MET C 17 -5.31 29.45 19.33
CA MET C 17 -5.95 30.75 19.48
C MET C 17 -7.21 30.69 20.32
N GLU C 18 -7.78 29.50 20.51
CA GLU C 18 -9.00 29.35 21.29
C GLU C 18 -8.74 29.75 22.74
N LYS C 19 -7.91 28.98 23.46
CA LYS C 19 -7.54 29.32 24.82
C LYS C 19 -6.03 29.27 25.00
N VAL D 20 17.49 29.23 -2.06
CA VAL D 20 16.65 30.06 -1.20
C VAL D 20 17.43 30.51 0.03
N SER D 21 17.26 31.76 0.41
CA SER D 21 17.99 32.33 1.53
C SER D 21 17.17 32.25 2.81
N PRO D 22 17.83 32.31 3.97
CA PRO D 22 17.07 32.34 5.23
C PRO D 22 16.13 33.52 5.35
N LYS D 23 16.49 34.68 4.81
CA LYS D 23 15.61 35.85 4.88
C LYS D 23 14.33 35.65 4.06
N GLU D 24 14.42 34.92 2.96
CA GLU D 24 13.23 34.67 2.14
C GLU D 24 12.22 33.80 2.87
N ILE D 25 12.69 32.75 3.55
CA ILE D 25 11.79 31.88 4.31
C ILE D 25 11.17 32.65 5.47
N LEU D 26 11.96 33.51 6.12
CA LEU D 26 11.43 34.27 7.23
C LEU D 26 10.31 35.22 6.78
N ASN D 27 10.45 35.79 5.58
CA ASN D 27 9.38 36.65 5.08
C ASN D 27 8.14 35.85 4.74
N LEU D 28 8.31 34.63 4.22
CA LEU D 28 7.15 33.81 3.89
C LEU D 28 6.42 33.34 5.13
N THR D 29 7.16 32.89 6.16
CA THR D 29 6.50 32.49 7.40
C THR D 29 5.88 33.69 8.09
N SER D 30 6.47 34.88 7.94
CA SER D 30 5.84 36.09 8.44
C SER D 30 4.49 36.31 7.77
N GLU D 31 4.45 36.23 6.44
CA GLU D 31 3.18 36.33 5.74
C GLU D 31 2.23 35.22 6.16
N LEU D 32 2.74 34.00 6.33
CA LEU D 32 1.89 32.87 6.72
C LEU D 32 1.30 33.08 8.10
N LEU D 33 2.13 33.52 9.07
CA LEU D 33 1.61 33.76 10.42
C LEU D 33 0.47 34.77 10.40
N GLN D 34 0.65 35.85 9.66
CA GLN D 34 -0.40 36.86 9.58
C GLN D 34 -1.66 36.29 8.95
N LYS D 35 -1.50 35.57 7.84
CA LYS D 35 -2.66 35.00 7.13
C LYS D 35 -3.43 34.03 8.00
N CYS D 36 -2.74 33.19 8.77
CA CYS D 36 -3.40 32.18 9.58
C CYS D 36 -3.80 32.67 10.96
N SER D 37 -3.37 33.86 11.36
CA SER D 37 -3.86 34.46 12.59
C SER D 37 -5.07 35.34 12.35
N SER D 38 -5.45 35.57 11.09
CA SER D 38 -6.64 36.34 10.79
C SER D 38 -7.87 35.64 11.35
N PRO D 39 -8.90 36.39 11.71
CA PRO D 39 -10.12 35.78 12.25
C PRO D 39 -10.82 34.92 11.20
N ALA D 40 -11.77 34.13 11.68
CA ALA D 40 -12.51 33.24 10.80
C ALA D 40 -13.23 34.06 9.73
N PRO D 41 -13.16 33.67 8.46
CA PRO D 41 -13.73 34.50 7.39
C PRO D 41 -15.22 34.31 7.16
N GLY D 42 -15.91 33.50 7.96
CA GLY D 42 -17.28 33.15 7.69
C GLY D 42 -17.38 31.87 6.88
N PRO D 43 -18.40 31.06 7.15
CA PRO D 43 -18.43 29.70 6.57
C PRO D 43 -18.40 29.67 5.05
N GLY D 44 -19.01 30.64 4.37
CA GLY D 44 -18.99 30.67 2.92
C GLY D 44 -17.67 31.07 2.32
N LYS D 45 -16.73 31.55 3.14
CA LYS D 45 -15.41 31.95 2.68
C LYS D 45 -14.33 30.94 3.06
N GLU D 46 -14.69 29.88 3.77
CA GLU D 46 -13.67 29.00 4.36
C GLU D 46 -12.93 28.20 3.30
N TRP D 47 -13.61 27.80 2.21
CA TRP D 47 -12.91 27.08 1.15
C TRP D 47 -11.89 27.98 0.45
N GLU D 48 -12.27 29.23 0.18
CA GLU D 48 -11.32 30.14 -0.46
C GLU D 48 -10.13 30.40 0.45
N GLU D 49 -10.36 30.61 1.74
CA GLU D 49 -9.27 30.81 2.68
C GLU D 49 -8.37 29.59 2.72
N TYR D 50 -8.97 28.39 2.72
CA TYR D 50 -8.20 27.15 2.74
C TYR D 50 -7.25 27.08 1.55
N VAL D 51 -7.74 27.37 0.35
CA VAL D 51 -6.90 27.29 -0.84
C VAL D 51 -5.82 28.37 -0.81
N GLN D 52 -6.15 29.56 -0.28
CA GLN D 52 -5.14 30.60 -0.10
C GLN D 52 -4.03 30.15 0.86
N ILE D 53 -4.39 29.48 1.94
CA ILE D 53 -3.37 29.03 2.89
C ILE D 53 -2.54 27.90 2.30
N ARG D 54 -3.19 26.95 1.60
CA ARG D 54 -2.44 25.88 0.91
C ARG D 54 -1.42 26.47 -0.05
N THR D 55 -1.80 27.54 -0.74
CA THR D 55 -0.91 28.14 -1.73
C THR D 55 0.37 28.65 -1.08
N LEU D 56 0.24 29.28 0.09
CA LEU D 56 1.40 29.77 0.83
C LEU D 56 2.23 28.61 1.35
N VAL D 57 1.58 27.62 1.96
CA VAL D 57 2.30 26.49 2.53
C VAL D 57 3.08 25.76 1.45
N GLU D 58 2.42 25.46 0.33
CA GLU D 58 3.08 24.70 -0.74
C GLU D 58 4.25 25.47 -1.32
N LYS D 59 4.15 26.80 -1.39
CA LYS D 59 5.28 27.60 -1.84
C LYS D 59 6.45 27.51 -0.86
N ILE D 60 6.18 27.55 0.44
CA ILE D 60 7.22 27.33 1.44
C ILE D 60 7.78 25.91 1.33
N ARG D 61 6.87 24.92 1.27
CA ARG D 61 7.33 23.53 1.25
C ARG D 61 8.21 23.25 0.05
N LYS D 62 7.89 23.84 -1.11
CA LYS D 62 8.70 23.62 -2.30
C LYS D 62 10.07 24.27 -2.20
N LYS D 63 10.23 25.30 -1.36
CA LYS D 63 11.53 25.93 -1.14
C LYS D 63 12.35 25.26 -0.04
N GLN D 64 11.84 24.20 0.56
CA GLN D 64 12.52 23.52 1.65
C GLN D 64 12.85 22.09 1.25
N LYS D 65 13.62 21.42 2.09
CA LYS D 65 14.24 20.14 1.75
C LYS D 65 13.57 18.95 2.43
N GLY D 66 12.25 19.00 2.56
CA GLY D 66 11.52 17.91 3.17
C GLY D 66 11.82 17.76 4.65
N LEU D 67 11.83 16.51 5.12
CA LEU D 67 12.19 16.23 6.50
C LEU D 67 13.65 16.59 6.77
N SER D 68 13.89 17.31 7.86
CA SER D 68 15.24 17.76 8.18
C SER D 68 16.17 16.58 8.44
N VAL D 69 15.69 15.59 9.18
CA VAL D 69 16.48 14.39 9.51
C VAL D 69 15.82 13.21 8.81
N THR D 70 16.59 12.50 7.99
CA THR D 70 16.15 11.23 7.43
C THR D 70 17.16 10.15 7.80
N PHE D 71 16.70 8.92 7.84
CA PHE D 71 17.53 7.81 8.26
C PHE D 71 17.94 6.99 7.05
N ASP D 72 19.12 6.36 7.14
CA ASP D 72 19.68 5.67 5.99
C ASP D 72 18.91 4.38 5.68
N GLY D 73 18.53 3.64 6.71
CA GLY D 73 17.85 2.39 6.50
C GLY D 73 16.36 2.55 6.26
N LYS D 74 15.73 1.45 5.89
CA LYS D 74 14.28 1.44 5.79
C LYS D 74 13.66 1.30 7.17
N ARG D 75 12.35 1.49 7.21
CA ARG D 75 11.64 1.47 8.49
C ARG D 75 11.80 0.13 9.20
N GLU D 76 11.65 -0.98 8.47
CA GLU D 76 11.78 -2.29 9.10
C GLU D 76 13.21 -2.60 9.53
N ASP D 77 14.22 -1.93 8.97
CA ASP D 77 15.58 -2.14 9.43
C ASP D 77 15.77 -1.77 10.88
N TYR D 78 14.88 -0.95 11.45
CA TYR D 78 15.06 -0.47 12.81
C TYR D 78 14.17 -1.17 13.83
N PHE D 79 13.24 -2.02 13.38
CA PHE D 79 12.42 -2.75 14.35
C PHE D 79 13.24 -3.62 15.31
N PRO D 80 14.32 -4.28 14.88
CA PRO D 80 15.13 -5.02 15.87
C PRO D 80 15.71 -4.16 16.96
N ASP D 81 16.09 -2.91 16.66
CA ASP D 81 16.61 -2.01 17.69
C ASP D 81 15.52 -1.58 18.66
N LEU D 82 14.32 -1.30 18.14
CA LEU D 82 13.18 -1.02 19.02
C LEU D 82 12.95 -2.16 20.00
N MET D 83 12.95 -3.40 19.49
CA MET D 83 12.73 -4.57 20.34
C MET D 83 13.82 -4.69 21.41
N LYS D 84 15.08 -4.54 21.00
CA LYS D 84 16.19 -4.65 21.96
C LYS D 84 16.09 -3.57 23.04
N TRP D 85 15.85 -2.33 22.60
CA TRP D 85 15.72 -1.20 23.53
C TRP D 85 14.52 -1.39 24.46
N ALA D 86 13.40 -1.88 23.93
CA ALA D 86 12.23 -2.10 24.76
C ALA D 86 12.48 -3.23 25.77
N SER D 87 13.16 -4.28 25.34
CA SER D 87 13.46 -5.40 26.22
C SER D 87 14.40 -4.99 27.35
N GLU D 88 15.44 -4.21 27.02
CA GLU D 88 16.39 -3.72 28.01
C GLU D 88 15.71 -2.92 29.13
N ASN D 89 14.58 -2.27 28.81
CA ASN D 89 13.92 -1.40 29.77
C ASN D 89 12.64 -2.01 30.32
N GLY D 90 12.45 -3.32 30.17
CA GLY D 90 11.40 -4.04 30.87
C GLY D 90 10.10 -4.27 30.13
N ALA D 91 10.03 -3.97 28.84
CA ALA D 91 8.82 -4.21 28.09
C ALA D 91 8.75 -5.66 27.60
N SER D 92 7.53 -6.12 27.35
CA SER D 92 7.31 -7.39 26.67
C SER D 92 7.79 -7.33 25.23
N VAL D 93 8.60 -8.31 24.80
CA VAL D 93 9.03 -8.34 23.41
C VAL D 93 8.87 -9.71 22.77
N GLU D 94 8.25 -10.67 23.47
CA GLU D 94 8.07 -12.01 22.92
C GLU D 94 6.61 -12.27 22.60
N GLY D 95 6.37 -13.09 21.55
CA GLY D 95 5.03 -13.49 21.20
C GLY D 95 4.45 -12.79 19.99
N PHE D 96 5.17 -11.83 19.41
CA PHE D 96 4.67 -11.09 18.26
C PHE D 96 5.84 -10.61 17.44
N GLU D 97 5.55 -10.24 16.18
CA GLU D 97 6.52 -9.70 15.25
C GLU D 97 5.85 -8.57 14.48
N MET D 98 6.67 -7.72 13.86
CA MET D 98 6.13 -6.62 13.04
C MET D 98 6.00 -7.07 11.60
N VAL D 99 4.84 -6.79 10.99
CA VAL D 99 4.55 -7.19 9.63
C VAL D 99 3.96 -5.99 8.91
N ASN D 100 4.32 -5.80 7.64
CA ASN D 100 3.71 -4.75 6.81
C ASN D 100 2.43 -5.30 6.19
N PHE D 101 1.28 -4.93 6.75
CA PHE D 101 -0.01 -5.37 6.24
C PHE D 101 -0.51 -4.37 5.19
N LYS D 102 -1.08 -4.88 4.10
CA LYS D 102 -1.58 -3.97 3.07
C LYS D 102 -2.66 -3.04 3.59
N GLU D 103 -3.60 -3.56 4.38
CA GLU D 103 -4.76 -2.75 4.76
C GLU D 103 -4.42 -1.66 5.77
N GLU D 104 -3.60 -1.98 6.77
CA GLU D 104 -3.40 -1.07 7.88
C GLU D 104 -1.98 -0.54 7.99
N GLY D 105 -1.07 -0.93 7.10
CA GLY D 105 0.31 -0.56 7.32
C GLY D 105 0.95 -1.56 8.26
N PHE D 106 2.07 -1.16 8.85
CA PHE D 106 2.76 -2.04 9.77
C PHE D 106 1.89 -2.29 11.00
N GLY D 107 1.97 -3.50 11.54
CA GLY D 107 1.24 -3.86 12.75
C GLY D 107 1.95 -5.03 13.41
N LEU D 108 1.36 -5.50 14.50
CA LEU D 108 1.89 -6.66 15.21
C LEU D 108 1.13 -7.91 14.77
N ARG D 109 1.86 -9.01 14.61
CA ARG D 109 1.29 -10.32 14.30
C ARG D 109 1.71 -11.32 15.37
N ALA D 110 0.77 -12.14 15.81
CA ALA D 110 1.07 -13.10 16.86
C ALA D 110 2.00 -14.18 16.32
N THR D 111 2.96 -14.60 17.16
CA THR D 111 3.84 -15.72 16.80
C THR D 111 3.51 -16.97 17.59
N ARG D 112 2.55 -16.90 18.50
CA ARG D 112 2.00 -18.02 19.24
C ARG D 112 0.53 -17.73 19.43
N ASP D 113 -0.25 -18.72 19.87
CA ASP D 113 -1.64 -18.47 20.22
C ASP D 113 -1.72 -17.57 21.45
N ILE D 114 -2.52 -16.51 21.36
CA ILE D 114 -2.75 -15.59 22.48
C ILE D 114 -4.24 -15.64 22.80
N LYS D 115 -4.57 -15.86 24.07
CA LYS D 115 -5.96 -16.02 24.45
C LYS D 115 -6.57 -14.68 24.84
N ALA D 116 -7.86 -14.54 24.57
CA ALA D 116 -8.59 -13.36 25.00
C ALA D 116 -8.38 -13.13 26.49
N GLU D 117 -8.13 -11.88 26.85
CA GLU D 117 -7.85 -11.40 28.21
C GLU D 117 -6.46 -11.76 28.71
N GLU D 118 -5.61 -12.37 27.90
CA GLU D 118 -4.24 -12.61 28.32
C GLU D 118 -3.47 -11.29 28.30
N LEU D 119 -2.74 -11.02 29.38
CA LEU D 119 -1.84 -9.86 29.40
C LEU D 119 -0.62 -10.19 28.56
N PHE D 120 -0.60 -9.73 27.32
CA PHE D 120 0.48 -10.07 26.39
C PHE D 120 1.43 -8.92 26.10
N LEU D 121 1.12 -7.70 26.51
CA LEU D 121 1.92 -6.55 26.15
C LEU D 121 1.98 -5.58 27.32
N TRP D 122 3.18 -5.11 27.66
CA TRP D 122 3.32 -4.14 28.74
C TRP D 122 4.54 -3.26 28.48
N VAL D 123 4.43 -1.98 28.82
CA VAL D 123 5.47 -0.99 28.53
C VAL D 123 5.74 -0.11 29.74
N PRO D 124 6.91 -0.18 30.36
CA PRO D 124 7.18 0.65 31.54
C PRO D 124 7.32 2.13 31.20
N ARG D 125 7.05 2.98 32.21
CA ARG D 125 6.94 4.42 31.98
C ARG D 125 8.23 5.01 31.42
N LYS D 126 9.39 4.48 31.82
CA LYS D 126 10.66 5.01 31.34
C LYS D 126 10.77 5.01 29.81
N LEU D 127 10.01 4.16 29.12
CA LEU D 127 10.10 4.13 27.66
C LEU D 127 9.24 5.20 27.00
N LEU D 128 8.25 5.72 27.72
CA LEU D 128 7.29 6.65 27.14
C LEU D 128 7.94 8.00 26.88
N MET D 129 7.39 8.70 25.90
CA MET D 129 7.64 10.13 25.72
C MET D 129 6.43 10.87 26.29
N THR D 130 6.68 11.84 27.16
CA THR D 130 5.60 12.51 27.88
C THR D 130 5.85 14.00 27.93
N VAL D 131 4.83 14.74 28.33
CA VAL D 131 5.02 16.16 28.60
C VAL D 131 6.12 16.35 29.64
N GLU D 132 6.17 15.48 30.66
CA GLU D 132 7.21 15.59 31.69
C GLU D 132 8.59 15.35 31.11
N SER D 133 8.76 14.32 30.27
CA SER D 133 10.06 14.11 29.65
C SER D 133 10.38 15.24 28.67
N ALA D 134 9.36 15.86 28.07
CA ALA D 134 9.59 17.04 27.25
C ALA D 134 10.17 18.18 28.07
N LYS D 135 9.66 18.37 29.28
CA LYS D 135 10.13 19.45 30.14
C LYS D 135 11.59 19.26 30.56
N ASN D 136 12.03 18.02 30.74
CA ASN D 136 13.39 17.73 31.18
C ASN D 136 14.38 17.57 30.04
N SER D 137 13.98 17.84 28.80
CA SER D 137 14.85 17.66 27.65
C SER D 137 15.49 18.98 27.26
N VAL D 138 16.13 19.00 26.09
CA VAL D 138 16.71 20.23 25.56
C VAL D 138 15.62 21.27 25.27
N LEU D 139 14.36 20.84 25.23
CA LEU D 139 13.25 21.76 25.04
C LEU D 139 12.84 22.47 26.32
N GLY D 140 13.37 22.05 27.46
CA GLY D 140 13.03 22.62 28.74
C GLY D 140 13.08 24.14 28.81
N PRO D 141 14.21 24.74 28.40
CA PRO D 141 14.30 26.21 28.46
C PRO D 141 13.21 26.91 27.67
N LEU D 142 13.02 26.54 26.40
CA LEU D 142 11.96 27.14 25.60
C LEU D 142 10.59 26.88 26.22
N TYR D 143 10.38 25.69 26.78
CA TYR D 143 9.10 25.33 27.35
C TYR D 143 8.72 26.23 28.52
N SER D 144 9.70 26.67 29.30
CA SER D 144 9.42 27.41 30.54
C SER D 144 8.99 28.85 30.29
N GLN D 145 9.15 29.36 29.06
CA GLN D 145 8.81 30.74 28.76
C GLN D 145 7.80 30.90 27.64
N ASP D 146 7.42 29.83 26.94
CA ASP D 146 6.51 29.92 25.81
C ASP D 146 5.10 29.55 26.26
N ARG D 147 4.15 30.47 26.03
CA ARG D 147 2.80 30.27 26.54
C ARG D 147 2.05 29.18 25.79
N ILE D 148 2.42 28.93 24.53
CA ILE D 148 1.72 27.91 23.75
C ILE D 148 2.14 26.51 24.19
N LEU D 149 3.45 26.27 24.34
CA LEU D 149 3.91 24.98 24.82
C LEU D 149 3.34 24.66 26.20
N GLN D 150 3.31 25.64 27.10
CA GLN D 150 2.82 25.37 28.46
C GLN D 150 1.35 25.01 28.48
N ALA D 151 0.57 25.54 27.54
CA ALA D 151 -0.86 25.33 27.55
C ALA D 151 -1.30 24.11 26.77
N MET D 152 -0.47 23.60 25.87
CA MET D 152 -0.87 22.56 24.92
C MET D 152 0.17 21.45 24.89
N GLY D 153 -0.07 20.40 25.69
CA GLY D 153 0.86 19.29 25.76
C GLY D 153 1.01 18.58 24.43
N ASN D 154 -0.04 18.58 23.60
CA ASN D 154 0.06 17.92 22.30
C ASN D 154 1.12 18.59 21.42
N ILE D 155 1.16 19.92 21.43
CA ILE D 155 2.19 20.61 20.66
C ILE D 155 3.56 20.42 21.29
N ALA D 156 3.63 20.44 22.62
CA ALA D 156 4.90 20.19 23.30
C ALA D 156 5.44 18.79 22.95
N LEU D 157 4.56 17.78 22.90
CA LEU D 157 4.98 16.45 22.50
C LEU D 157 5.51 16.46 21.07
N ALA D 158 4.90 17.25 20.18
CA ALA D 158 5.36 17.33 18.81
C ALA D 158 6.77 17.90 18.71
N PHE D 159 7.06 18.95 19.49
CA PHE D 159 8.42 19.48 19.48
C PHE D 159 9.40 18.57 20.21
N HIS D 160 8.93 17.89 21.26
CA HIS D 160 9.74 16.85 21.91
C HIS D 160 10.17 15.79 20.90
N LEU D 161 9.21 15.27 20.14
CA LEU D 161 9.50 14.36 19.04
C LEU D 161 10.56 14.91 18.09
N LEU D 162 10.36 16.15 17.60
CA LEU D 162 11.28 16.71 16.62
C LEU D 162 12.68 16.92 17.20
N CYS D 163 12.76 17.43 18.43
CA CYS D 163 14.06 17.65 19.05
C CYS D 163 14.81 16.34 19.26
N GLU D 164 14.12 15.30 19.72
CA GLU D 164 14.80 14.02 19.90
C GLU D 164 15.12 13.38 18.56
N ARG D 165 14.28 13.61 17.55
CA ARG D 165 14.57 13.08 16.22
C ARG D 165 15.89 13.64 15.69
N ALA D 166 16.16 14.92 15.93
CA ALA D 166 17.39 15.55 15.46
C ALA D 166 18.53 15.46 16.49
N SER D 167 18.43 14.56 17.46
CA SER D 167 19.49 14.33 18.45
C SER D 167 20.01 12.92 18.31
N PRO D 168 21.20 12.71 17.75
CA PRO D 168 21.64 11.34 17.43
C PRO D 168 21.81 10.43 18.64
N ASN D 169 22.07 10.98 19.82
CA ASN D 169 22.24 10.18 21.03
C ASN D 169 20.97 10.12 21.87
N SER D 170 19.82 10.46 21.31
CA SER D 170 18.58 10.46 22.08
C SER D 170 18.25 9.08 22.61
N PHE D 171 17.75 9.03 23.84
CA PHE D 171 17.28 7.78 24.42
C PHE D 171 16.16 7.16 23.58
N TRP D 172 15.34 7.98 22.93
CA TRP D 172 14.18 7.47 22.19
C TRP D 172 14.46 7.25 20.71
N GLN D 173 15.72 7.33 20.28
CA GLN D 173 16.02 7.06 18.88
C GLN D 173 15.46 5.75 18.33
N PRO D 174 15.48 4.62 19.05
CA PRO D 174 14.91 3.39 18.46
C PRO D 174 13.42 3.48 18.21
N TYR D 175 12.71 4.30 19.00
CA TYR D 175 11.29 4.54 18.74
C TYR D 175 11.10 5.45 17.54
N ILE D 176 11.86 6.55 17.48
CA ILE D 176 11.64 7.53 16.42
C ILE D 176 12.04 6.95 15.06
N GLN D 177 13.10 6.15 15.02
CA GLN D 177 13.51 5.59 13.75
C GLN D 177 12.51 4.55 13.22
N THR D 178 11.57 4.08 14.04
CA THR D 178 10.58 3.12 13.55
C THR D 178 9.22 3.76 13.28
N LEU D 179 9.06 5.06 13.54
CA LEU D 179 7.81 5.73 13.23
C LEU D 179 7.63 5.86 11.72
N PRO D 180 6.39 6.01 11.26
CA PRO D 180 6.17 6.30 9.84
C PRO D 180 6.82 7.63 9.44
N SER D 181 7.12 7.76 8.15
CA SER D 181 7.62 9.01 7.57
C SER D 181 6.52 9.86 6.96
N GLU D 182 5.31 9.32 6.81
CA GLU D 182 4.18 9.99 6.17
C GLU D 182 2.92 9.42 6.77
N TYR D 183 1.83 10.18 6.70
CA TYR D 183 0.54 9.80 7.26
C TYR D 183 -0.57 10.07 6.24
N ASP D 184 -1.79 9.63 6.57
CA ASP D 184 -2.95 9.89 5.73
C ASP D 184 -3.96 10.81 6.44
N THR D 185 -3.51 11.65 7.36
CA THR D 185 -4.38 12.71 7.84
C THR D 185 -4.60 13.70 6.71
N PRO D 186 -5.67 14.51 6.80
CA PRO D 186 -5.95 15.48 5.73
C PRO D 186 -4.83 16.49 5.48
N LEU D 187 -3.92 16.71 6.44
CA LEU D 187 -2.76 17.54 6.18
C LEU D 187 -1.97 17.06 4.97
N TYR D 188 -2.10 15.78 4.61
CA TYR D 188 -1.38 15.21 3.48
C TYR D 188 -2.23 15.09 2.22
N PHE D 189 -3.51 15.48 2.26
CA PHE D 189 -4.36 15.34 1.08
C PHE D 189 -4.02 16.38 0.02
N GLU D 190 -4.26 16.01 -1.23
CA GLU D 190 -4.27 16.97 -2.33
C GLU D 190 -5.50 17.85 -2.24
N GLU D 191 -5.43 19.01 -2.89
CA GLU D 191 -6.57 19.93 -2.84
C GLU D 191 -7.84 19.26 -3.36
N ASP D 192 -7.75 18.52 -4.46
CA ASP D 192 -8.93 17.88 -5.00
C ASP D 192 -9.41 16.70 -4.19
N GLU D 193 -8.55 16.12 -3.34
CA GLU D 193 -9.02 15.09 -2.42
C GLU D 193 -9.88 15.71 -1.31
N VAL D 194 -9.49 16.88 -0.82
CA VAL D 194 -10.31 17.57 0.18
C VAL D 194 -11.58 18.12 -0.47
N ARG D 195 -11.50 18.46 -1.75
CA ARG D 195 -12.67 19.02 -2.45
C ARG D 195 -13.85 18.08 -2.43
N TYR D 196 -13.62 16.76 -2.37
CA TYR D 196 -14.75 15.83 -2.25
C TYR D 196 -15.60 16.10 -1.01
N LEU D 197 -15.03 16.75 0.00
CA LEU D 197 -15.75 16.98 1.27
C LEU D 197 -16.55 18.27 1.28
N GLN D 198 -16.60 19.02 0.19
CA GLN D 198 -17.38 20.26 0.22
C GLN D 198 -18.84 19.94 0.57
N SER D 199 -19.43 20.80 1.40
CA SER D 199 -20.82 20.75 1.88
C SER D 199 -21.05 19.71 2.98
N THR D 200 -20.01 19.03 3.48
CA THR D 200 -20.20 18.11 4.60
C THR D 200 -20.04 18.83 5.93
N GLN D 201 -20.37 18.12 7.01
CA GLN D 201 -20.02 18.55 8.36
C GLN D 201 -18.51 18.48 8.58
N ALA D 202 -17.87 17.45 8.02
CA ALA D 202 -16.47 17.17 8.35
C ALA D 202 -15.52 18.25 7.85
N ILE D 203 -15.84 18.94 6.76
CA ILE D 203 -14.81 19.74 6.10
C ILE D 203 -14.37 20.93 6.94
N HIS D 204 -15.24 21.49 7.78
CA HIS D 204 -14.81 22.61 8.62
C HIS D 204 -13.64 22.21 9.53
N ASP D 205 -13.69 21.01 10.10
CA ASP D 205 -12.57 20.56 10.93
C ASP D 205 -11.32 20.32 10.10
N VAL D 206 -11.47 19.92 8.83
CA VAL D 206 -10.30 19.86 7.94
C VAL D 206 -9.69 21.24 7.78
N PHE D 207 -10.54 22.26 7.55
CA PHE D 207 -10.05 23.63 7.42
C PHE D 207 -9.31 24.07 8.68
N SER D 208 -9.89 23.82 9.85
CA SER D 208 -9.29 24.24 11.10
C SER D 208 -7.95 23.56 11.32
N GLN D 209 -7.88 22.25 11.04
CA GLN D 209 -6.62 21.54 11.20
C GLN D 209 -5.54 22.15 10.33
N TYR D 210 -5.87 22.48 9.08
CA TYR D 210 -4.87 23.02 8.17
C TYR D 210 -4.40 24.40 8.63
N LYS D 211 -5.36 25.25 9.02
CA LYS D 211 -5.02 26.60 9.47
C LYS D 211 -4.22 26.59 10.77
N ASN D 212 -4.66 25.80 11.76
CA ASN D 212 -3.93 25.68 13.02
C ASN D 212 -2.49 25.23 12.79
N THR D 213 -2.30 24.21 11.94
CA THR D 213 -0.96 23.67 11.73
C THR D 213 -0.06 24.69 11.03
N ALA D 214 -0.59 25.38 10.03
CA ALA D 214 0.19 26.41 9.34
C ALA D 214 0.54 27.57 10.27
N ARG D 215 -0.44 28.04 11.05
CA ARG D 215 -0.18 29.11 12.00
C ARG D 215 0.90 28.70 13.00
N GLN D 216 0.79 27.48 13.53
CA GLN D 216 1.76 27.00 14.52
C GLN D 216 3.15 26.89 13.94
N TYR D 217 3.29 26.33 12.73
CA TYR D 217 4.62 26.26 12.11
C TYR D 217 5.22 27.64 11.95
N ALA D 218 4.44 28.59 11.43
CA ALA D 218 4.95 29.94 11.20
C ALA D 218 5.32 30.62 12.51
N TYR D 219 4.47 30.48 13.53
CA TYR D 219 4.77 31.05 14.83
C TYR D 219 6.06 30.47 15.40
N PHE D 220 6.19 29.15 15.42
CA PHE D 220 7.33 28.55 16.09
C PHE D 220 8.61 28.71 15.30
N TYR D 221 8.51 28.80 13.97
CA TYR D 221 9.71 29.06 13.18
C TYR D 221 10.35 30.39 13.56
N LYS D 222 9.53 31.42 13.76
CA LYS D 222 10.06 32.71 14.19
C LYS D 222 10.58 32.64 15.63
N VAL D 223 9.83 31.98 16.52
CA VAL D 223 10.27 31.78 17.90
C VAL D 223 11.65 31.13 17.93
N ILE D 224 11.83 30.04 17.18
CA ILE D 224 13.08 29.30 17.23
C ILE D 224 14.24 30.13 16.68
N GLN D 225 13.97 31.00 15.71
CA GLN D 225 15.05 31.79 15.14
C GLN D 225 15.47 32.95 16.02
N THR D 226 14.64 33.37 16.99
CA THR D 226 14.96 34.57 17.78
C THR D 226 15.12 34.31 19.27
N HIS D 227 14.29 33.45 19.87
CA HIS D 227 14.30 33.31 21.33
C HIS D 227 15.62 32.69 21.80
N PRO D 228 16.31 33.29 22.77
CA PRO D 228 17.58 32.71 23.21
C PRO D 228 17.46 31.36 23.88
N HIS D 229 16.30 31.04 24.45
CA HIS D 229 16.12 29.70 25.01
C HIS D 229 16.03 28.62 23.93
N ALA D 230 16.06 29.00 22.65
CA ALA D 230 16.08 28.06 21.54
C ALA D 230 17.44 27.98 20.86
N ASN D 231 18.47 28.60 21.43
CA ASN D 231 19.78 28.62 20.79
C ASN D 231 20.42 27.24 20.74
N LYS D 232 20.11 26.37 21.70
CA LYS D 232 20.70 25.04 21.76
C LYS D 232 19.81 23.96 21.15
N LEU D 233 18.68 24.35 20.54
CA LEU D 233 17.82 23.35 19.93
C LEU D 233 18.37 22.96 18.55
N PRO D 234 18.33 21.68 18.20
CA PRO D 234 18.72 21.29 16.84
C PRO D 234 17.85 21.93 15.78
N LEU D 235 16.62 22.31 16.13
CA LEU D 235 15.69 22.89 15.18
C LEU D 235 16.13 24.26 14.70
N LYS D 236 16.98 24.97 15.45
CA LYS D 236 17.47 26.25 14.96
C LYS D 236 18.24 26.10 13.66
N ASP D 237 18.92 24.96 13.47
CA ASP D 237 19.66 24.75 12.24
C ASP D 237 18.75 24.38 11.07
N SER D 238 17.64 23.70 11.34
CA SER D 238 16.72 23.30 10.27
C SER D 238 15.37 22.94 10.88
N PHE D 239 14.30 23.61 10.44
CA PHE D 239 12.94 23.33 10.92
C PHE D 239 12.00 23.61 9.76
N THR D 240 11.59 22.57 9.06
CA THR D 240 10.79 22.70 7.85
C THR D 240 9.31 22.49 8.15
N TYR D 241 8.47 22.94 7.21
CA TYR D 241 7.05 22.66 7.35
C TYR D 241 6.78 21.17 7.39
N GLU D 242 7.49 20.41 6.54
CA GLU D 242 7.35 18.96 6.55
C GLU D 242 7.64 18.40 7.93
N ASP D 243 8.72 18.88 8.57
CA ASP D 243 9.01 18.53 9.96
C ASP D 243 7.77 18.67 10.85
N TYR D 244 7.15 19.85 10.82
CA TYR D 244 6.05 20.10 11.75
C TYR D 244 4.82 19.27 11.40
N ARG D 245 4.51 19.15 10.11
CA ARG D 245 3.38 18.32 9.70
C ARG D 245 3.59 16.88 10.16
N TRP D 246 4.81 16.37 10.01
CA TRP D 246 5.12 15.01 10.45
C TRP D 246 4.95 14.88 11.95
N ALA D 247 5.44 15.87 12.70
CA ALA D 247 5.43 15.77 14.16
C ALA D 247 4.01 15.81 14.70
N VAL D 248 3.19 16.76 14.22
CA VAL D 248 1.84 16.83 14.75
C VAL D 248 1.02 15.64 14.29
N SER D 249 1.31 15.09 13.11
CA SER D 249 0.56 13.94 12.65
C SER D 249 0.96 12.69 13.43
N SER D 250 2.24 12.59 13.77
CA SER D 250 2.71 11.50 14.63
C SER D 250 1.99 11.54 15.98
N VAL D 251 1.84 12.75 16.55
CA VAL D 251 1.19 12.89 17.85
C VAL D 251 -0.30 12.67 17.72
N MET D 252 -0.92 13.28 16.70
CA MET D 252 -2.36 13.14 16.51
C MET D 252 -2.79 11.67 16.39
N THR D 253 -2.05 10.88 15.62
CA THR D 253 -2.49 9.53 15.35
C THR D 253 -2.13 8.54 16.45
N ARG D 254 -1.29 8.92 17.42
CA ARG D 254 -0.73 7.95 18.35
C ARG D 254 -0.80 8.34 19.81
N GLN D 255 -1.08 9.61 20.13
CA GLN D 255 -0.95 10.07 21.52
C GLN D 255 -2.03 9.49 22.42
N VAL D 256 -1.69 9.35 23.69
CA VAL D 256 -2.58 8.81 24.71
C VAL D 256 -2.55 9.73 25.92
N GLN D 257 -3.56 9.57 26.77
CA GLN D 257 -3.61 10.22 28.07
C GLN D 257 -3.36 9.17 29.15
N ILE D 258 -2.39 9.44 30.03
CA ILE D 258 -2.07 8.54 31.14
C ILE D 258 -2.01 9.36 32.43
N PRO D 259 -2.06 8.69 33.58
CA PRO D 259 -1.85 9.41 34.84
C PRO D 259 -0.38 9.75 35.04
N THR D 260 -0.13 10.83 35.79
CA THR D 260 1.22 11.14 36.22
C THR D 260 1.71 10.10 37.23
N GLU D 261 3.03 10.12 37.50
CA GLU D 261 3.63 9.11 38.35
C GLU D 261 3.01 9.09 39.74
N ASP D 262 2.54 10.24 40.23
CA ASP D 262 1.89 10.33 41.53
C ASP D 262 0.39 10.10 41.47
N GLY D 263 -0.15 9.82 40.28
CA GLY D 263 -1.56 9.55 40.13
C GLY D 263 -2.47 10.75 40.29
N SER D 264 -1.93 11.95 40.53
CA SER D 264 -2.76 13.10 40.88
C SER D 264 -3.43 13.72 39.66
N ARG D 265 -2.73 13.79 38.53
CA ARG D 265 -3.23 14.44 37.32
C ARG D 265 -2.94 13.57 36.10
N VAL D 266 -3.45 14.01 34.95
CA VAL D 266 -3.25 13.31 33.70
C VAL D 266 -2.24 14.05 32.84
N THR D 267 -1.64 13.33 31.91
CA THR D 267 -0.70 13.92 30.97
C THR D 267 -0.83 13.19 29.64
N LEU D 268 -0.29 13.79 28.59
CA LEU D 268 -0.26 13.17 27.27
C LEU D 268 1.06 12.43 27.07
N ALA D 269 1.02 11.39 26.25
CA ALA D 269 2.21 10.56 26.09
C ALA D 269 2.15 9.79 24.77
N LEU D 270 3.32 9.34 24.35
CA LEU D 270 3.49 8.36 23.28
C LEU D 270 4.03 7.07 23.89
N ILE D 271 3.44 5.93 23.52
CA ILE D 271 3.76 4.64 24.11
C ILE D 271 4.45 3.79 23.05
N PRO D 272 5.77 3.61 23.09
CA PRO D 272 6.44 2.79 22.09
C PRO D 272 5.97 1.35 22.12
N LEU D 273 6.13 0.68 20.98
CA LEU D 273 5.86 -0.74 20.79
C LEU D 273 4.36 -1.04 20.78
N TRP D 274 3.65 -0.67 21.86
CA TRP D 274 2.21 -0.85 21.87
C TRP D 274 1.52 -0.04 20.78
N ASP D 275 2.07 1.11 20.41
CA ASP D 275 1.33 1.88 19.41
C ASP D 275 1.59 1.38 17.99
N MET D 276 2.20 0.20 17.84
CA MET D 276 2.20 -0.50 16.56
C MET D 276 0.91 -1.29 16.32
N CYS D 277 0.04 -1.43 17.32
CA CYS D 277 -1.19 -2.18 17.10
C CYS D 277 -2.17 -1.36 16.27
N ASN D 278 -2.85 -2.02 15.35
CA ASN D 278 -3.90 -1.42 14.57
C ASN D 278 -5.27 -1.68 15.20
N HIS D 279 -6.29 -1.02 14.64
CA HIS D 279 -7.60 -0.88 15.26
C HIS D 279 -8.60 -1.89 14.71
N THR D 280 -9.44 -2.41 15.59
CA THR D 280 -10.64 -3.16 15.21
C THR D 280 -11.74 -2.83 16.20
N ASN D 281 -12.98 -3.23 15.87
CA ASN D 281 -14.08 -2.96 16.77
C ASN D 281 -13.96 -3.83 18.03
N GLY D 282 -14.45 -3.28 19.14
CA GLY D 282 -14.38 -3.98 20.41
C GLY D 282 -14.44 -3.06 21.60
N LEU D 283 -13.66 -3.37 22.63
CA LEU D 283 -13.64 -2.63 23.89
C LEU D 283 -12.21 -2.26 24.22
N ILE D 284 -12.04 -1.22 25.03
CA ILE D 284 -10.71 -0.85 25.48
C ILE D 284 -10.16 -1.96 26.37
N THR D 285 -8.99 -2.49 26.03
CA THR D 285 -8.33 -3.50 26.86
C THR D 285 -6.94 -3.07 27.30
N THR D 286 -6.61 -1.80 27.12
CA THR D 286 -5.32 -1.24 27.51
C THR D 286 -5.55 -0.29 28.67
N GLY D 287 -4.81 -0.50 29.75
CA GLY D 287 -4.92 0.34 30.92
C GLY D 287 -3.55 0.66 31.49
N TYR D 288 -3.49 1.71 32.29
CA TYR D 288 -2.24 2.05 32.96
C TYR D 288 -2.25 1.42 34.34
N ASN D 289 -1.16 0.74 34.68
CA ASN D 289 -0.96 0.09 35.97
C ASN D 289 -0.08 1.02 36.81
N LEU D 290 -0.71 1.79 37.70
CA LEU D 290 0.05 2.78 38.46
C LEU D 290 0.97 2.13 39.50
N GLU D 291 0.56 0.96 40.02
CA GLU D 291 1.38 0.28 41.02
C GLU D 291 2.71 -0.19 40.44
N ASP D 292 2.67 -0.76 39.24
CA ASP D 292 3.90 -1.18 38.55
C ASP D 292 4.45 -0.12 37.61
N ASP D 293 3.73 0.99 37.42
CA ASP D 293 4.17 2.10 36.57
C ASP D 293 4.45 1.61 35.15
N ARG D 294 3.42 1.03 34.54
CA ARG D 294 3.58 0.56 33.17
C ARG D 294 2.22 0.51 32.49
N CYS D 295 2.24 0.63 31.17
CA CYS D 295 1.07 0.40 30.36
CA CYS D 295 1.08 0.40 30.35
C CYS D 295 0.86 -1.10 30.20
N GLU D 296 -0.39 -1.53 30.23
CA GLU D 296 -0.70 -2.96 30.14
C GLU D 296 -1.82 -3.18 29.15
N CYS D 297 -1.65 -4.15 28.26
CA CYS D 297 -2.63 -4.47 27.23
C CYS D 297 -2.97 -5.95 27.30
N VAL D 298 -4.25 -6.25 27.45
CA VAL D 298 -4.72 -7.63 27.41
C VAL D 298 -5.41 -7.87 26.08
N ALA D 299 -5.39 -9.13 25.64
CA ALA D 299 -5.87 -9.47 24.31
C ALA D 299 -7.37 -9.23 24.19
N LEU D 300 -7.74 -8.46 23.17
CA LEU D 300 -9.14 -8.12 22.93
C LEU D 300 -9.96 -9.34 22.55
N GLN D 301 -9.34 -10.30 21.88
CA GLN D 301 -9.96 -11.54 21.45
C GLN D 301 -8.87 -12.58 21.32
N ASP D 302 -9.25 -13.82 20.98
CA ASP D 302 -8.24 -14.85 20.69
C ASP D 302 -7.48 -14.47 19.42
N PHE D 303 -6.17 -14.62 19.46
CA PHE D 303 -5.32 -14.45 18.29
C PHE D 303 -4.50 -15.72 18.10
N ARG D 304 -4.73 -16.40 16.98
CA ARG D 304 -3.89 -17.55 16.65
C ARG D 304 -2.55 -17.09 16.09
N ALA D 305 -1.56 -17.96 16.18
CA ALA D 305 -0.28 -17.65 15.56
C ALA D 305 -0.48 -17.37 14.08
N GLY D 306 0.09 -16.28 13.60
CA GLY D 306 -0.08 -15.85 12.23
C GLY D 306 -1.20 -14.86 12.00
N GLU D 307 -1.97 -14.51 13.02
CA GLU D 307 -3.05 -13.52 12.89
C GLU D 307 -2.59 -12.17 13.42
N GLN D 308 -3.04 -11.10 12.76
CA GLN D 308 -2.71 -9.77 13.26
C GLN D 308 -3.36 -9.54 14.62
N ILE D 309 -2.58 -8.93 15.52
CA ILE D 309 -3.08 -8.50 16.83
C ILE D 309 -3.67 -7.10 16.68
N TYR D 310 -4.96 -6.96 17.00
CA TYR D 310 -5.62 -5.67 17.00
C TYR D 310 -5.97 -5.24 18.42
N ILE D 311 -6.15 -3.94 18.60
CA ILE D 311 -6.78 -3.38 19.79
C ILE D 311 -7.93 -2.49 19.32
N PHE D 312 -8.78 -2.11 20.27
CA PHE D 312 -9.84 -1.13 20.06
C PHE D 312 -9.33 0.25 20.48
N TYR D 313 -9.24 1.18 19.53
CA TYR D 313 -8.66 2.49 19.83
C TYR D 313 -9.55 3.31 20.76
N GLY D 314 -10.85 3.19 20.64
CA GLY D 314 -11.78 4.06 21.33
C GLY D 314 -13.01 4.32 20.49
N THR D 315 -14.07 4.82 21.14
CA THR D 315 -15.37 4.92 20.48
C THR D 315 -15.51 6.18 19.62
N ARG D 316 -14.59 6.35 18.67
CA ARG D 316 -14.58 7.57 17.87
C ARG D 316 -15.37 7.39 16.57
N SER D 317 -15.85 8.52 16.04
CA SER D 317 -16.56 8.52 14.77
C SER D 317 -15.57 8.38 13.62
N ASN D 318 -16.10 8.09 12.43
CA ASN D 318 -15.22 8.01 11.27
C ASN D 318 -14.67 9.38 10.89
N ALA D 319 -15.41 10.46 11.15
N ALA D 319 -15.41 10.46 11.15
CA ALA D 319 -14.84 11.79 10.93
CA ALA D 319 -14.84 11.79 10.93
C ALA D 319 -13.62 12.01 11.82
C ALA D 319 -13.62 12.01 11.82
N GLU D 320 -13.69 11.56 13.07
CA GLU D 320 -12.51 11.66 13.94
C GLU D 320 -11.41 10.72 13.47
N PHE D 321 -11.75 9.50 13.03
CA PHE D 321 -10.72 8.59 12.56
C PHE D 321 -10.00 9.16 11.34
N VAL D 322 -10.75 9.74 10.41
CA VAL D 322 -10.13 10.30 9.21
C VAL D 322 -9.25 11.49 9.57
N ILE D 323 -9.83 12.47 10.29
CA ILE D 323 -9.14 13.73 10.50
C ILE D 323 -7.98 13.58 11.47
N HIS D 324 -8.15 12.82 12.55
CA HIS D 324 -7.13 12.73 13.59
C HIS D 324 -6.31 11.43 13.55
N SER D 325 -6.84 10.35 12.99
CA SER D 325 -6.09 9.10 12.90
C SER D 325 -5.60 8.76 11.51
N GLY D 326 -6.13 9.41 10.48
CA GLY D 326 -5.72 9.14 9.12
C GLY D 326 -6.23 7.84 8.55
N PHE D 327 -7.40 7.36 8.96
CA PHE D 327 -7.98 6.24 8.23
C PHE D 327 -9.48 6.27 8.38
N PHE D 328 -10.16 5.58 7.47
CA PHE D 328 -11.61 5.38 7.55
C PHE D 328 -11.84 3.93 7.95
N PHE D 329 -12.69 3.71 8.96
CA PHE D 329 -12.92 2.36 9.46
C PHE D 329 -14.29 1.89 8.99
N ASP D 330 -14.29 0.90 8.10
CA ASP D 330 -15.55 0.30 7.68
C ASP D 330 -16.22 -0.37 8.88
N ASN D 331 -17.55 -0.34 8.90
CA ASN D 331 -18.32 -0.96 9.98
C ASN D 331 -17.88 -0.44 11.35
N ASN D 332 -17.77 0.89 11.46
CA ASN D 332 -17.50 1.53 12.75
C ASN D 332 -18.82 1.60 13.52
N SER D 333 -18.95 0.77 14.56
CA SER D 333 -20.18 0.70 15.33
CA SER D 333 -20.19 0.70 15.33
C SER D 333 -20.47 1.97 16.11
N HIS D 334 -19.52 2.89 16.23
CA HIS D 334 -19.70 4.12 16.98
C HIS D 334 -19.83 5.34 16.09
N ASP D 335 -20.05 5.15 14.80
CA ASP D 335 -20.08 6.27 13.89
C ASP D 335 -21.30 7.14 14.16
N ARG D 336 -21.14 8.44 13.94
CA ARG D 336 -22.20 9.39 14.29
C ARG D 336 -22.00 10.67 13.48
N VAL D 337 -23.07 11.48 13.40
CA VAL D 337 -23.04 12.83 12.86
C VAL D 337 -23.67 13.76 13.88
N LYS D 338 -23.38 15.04 13.73
CA LYS D 338 -23.89 16.06 14.64
C LYS D 338 -25.24 16.57 14.17
N ILE D 339 -26.07 16.99 15.11
CA ILE D 339 -27.30 17.70 14.77
C ILE D 339 -27.50 18.81 15.79
N LYS D 340 -27.60 20.04 15.32
CA LYS D 340 -27.69 21.20 16.20
C LYS D 340 -29.16 21.53 16.43
N LEU D 341 -29.56 21.64 17.71
CA LEU D 341 -30.96 21.89 18.04
C LEU D 341 -31.05 22.80 19.25
N GLY D 342 -32.05 23.70 19.22
CA GLY D 342 -32.28 24.58 20.34
C GLY D 342 -33.71 25.06 20.39
N VAL D 343 -34.20 25.33 21.59
CA VAL D 343 -35.49 25.98 21.76
C VAL D 343 -35.32 27.46 21.41
N SER D 344 -36.17 27.96 20.53
CA SER D 344 -36.08 29.34 20.11
C SER D 344 -36.74 30.26 21.12
N LYS D 345 -36.17 31.44 21.31
CA LYS D 345 -36.80 32.45 22.15
C LYS D 345 -38.10 32.98 21.56
N SER D 346 -38.35 32.74 20.26
CA SER D 346 -39.63 33.08 19.66
C SER D 346 -40.76 32.19 20.15
N ASP D 347 -40.43 30.99 20.66
CA ASP D 347 -41.41 30.10 21.24
C ASP D 347 -42.06 30.76 22.45
N ARG D 348 -43.39 30.82 22.47
CA ARG D 348 -44.06 31.37 23.65
C ARG D 348 -43.86 30.48 24.87
N LEU D 349 -43.58 29.19 24.68
CA LEU D 349 -43.33 28.29 25.79
C LEU D 349 -41.84 28.19 26.13
N TYR D 350 -41.01 29.11 25.61
CA TYR D 350 -39.57 29.04 25.85
C TYR D 350 -39.23 28.90 27.32
N ALA D 351 -39.85 29.74 28.17
CA ALA D 351 -39.47 29.76 29.57
C ALA D 351 -39.74 28.41 30.23
N MET D 352 -40.92 27.83 29.98
CA MET D 352 -41.24 26.52 30.53
C MET D 352 -40.34 25.44 29.96
N LYS D 353 -40.11 25.47 28.65
CA LYS D 353 -39.24 24.47 28.04
C LYS D 353 -37.82 24.59 28.57
N ALA D 354 -37.32 25.81 28.71
CA ALA D 354 -35.97 25.99 29.24
C ALA D 354 -35.84 25.47 30.66
N GLU D 355 -36.87 25.71 31.50
CA GLU D 355 -36.83 25.25 32.89
C GLU D 355 -36.86 23.73 32.98
N VAL D 356 -37.73 23.08 32.20
CA VAL D 356 -37.76 21.62 32.20
C VAL D 356 -36.41 21.05 31.77
N LEU D 357 -35.83 21.62 30.70
CA LEU D 357 -34.53 21.15 30.26
C LEU D 357 -33.46 21.36 31.33
N ALA D 358 -33.50 22.52 31.99
CA ALA D 358 -32.54 22.81 33.05
C ALA D 358 -32.65 21.80 34.18
N ARG D 359 -33.87 21.53 34.65
CA ARG D 359 -34.05 20.53 35.70
C ARG D 359 -33.61 19.15 35.22
N ALA D 360 -33.68 18.89 33.92
CA ALA D 360 -33.20 17.63 33.36
C ALA D 360 -31.70 17.64 33.10
N GLY D 361 -31.01 18.76 33.32
CA GLY D 361 -29.58 18.83 33.05
C GLY D 361 -29.23 18.91 31.59
N ILE D 362 -30.10 19.47 30.76
CA ILE D 362 -29.90 19.57 29.31
C ILE D 362 -29.90 21.05 28.95
N PRO D 363 -28.97 21.52 28.14
CA PRO D 363 -28.98 22.93 27.76
C PRO D 363 -30.14 23.23 26.82
N THR D 364 -30.50 24.51 26.78
N THR D 364 -30.50 24.51 26.76
CA THR D 364 -31.57 24.95 25.89
CA THR D 364 -31.58 24.94 25.88
C THR D 364 -31.19 24.74 24.42
C THR D 364 -31.20 24.87 24.41
N SER D 365 -29.90 24.84 24.10
CA SER D 365 -29.42 24.67 22.73
C SER D 365 -28.11 23.92 22.79
N SER D 366 -27.96 22.87 21.98
CA SER D 366 -26.72 22.12 22.00
C SER D 366 -26.53 21.43 20.67
N VAL D 367 -25.36 20.82 20.53
CA VAL D 367 -25.04 19.96 19.40
C VAL D 367 -25.23 18.53 19.90
N PHE D 368 -26.21 17.84 19.32
CA PHE D 368 -26.44 16.43 19.65
C PHE D 368 -25.84 15.54 18.57
N ALA D 369 -25.92 14.23 18.80
CA ALA D 369 -25.43 13.24 17.87
C ALA D 369 -26.56 12.36 17.37
N LEU D 370 -26.49 11.99 16.08
CA LEU D 370 -27.27 10.91 15.51
C LEU D 370 -26.32 9.74 15.25
N HIS D 371 -26.72 8.53 15.65
CA HIS D 371 -25.88 7.35 15.52
C HIS D 371 -26.43 6.42 14.45
N PHE D 372 -25.55 5.54 13.94
CA PHE D 372 -25.96 4.60 12.91
C PHE D 372 -26.50 3.30 13.48
N THR D 373 -26.01 2.86 14.64
CA THR D 373 -26.42 1.59 15.21
C THR D 373 -27.70 1.72 16.03
N GLU D 374 -28.22 0.56 16.47
CA GLU D 374 -29.59 0.25 16.92
C GLU D 374 -30.35 1.43 17.53
N PRO D 375 -29.84 2.12 18.57
CA PRO D 375 -30.55 3.30 19.06
C PRO D 375 -30.04 4.56 18.37
N PRO D 376 -30.79 5.09 17.40
CA PRO D 376 -30.26 6.21 16.60
C PRO D 376 -30.14 7.51 17.38
N ILE D 377 -30.89 7.69 18.47
CA ILE D 377 -30.76 8.91 19.26
C ILE D 377 -30.49 8.53 20.72
N SER D 378 -29.70 9.36 21.39
CA SER D 378 -29.35 9.11 22.77
C SER D 378 -30.52 9.48 23.69
N ALA D 379 -30.37 9.09 24.96
CA ALA D 379 -31.36 9.48 25.97
C ALA D 379 -31.46 10.99 26.09
N GLN D 380 -30.33 11.69 26.01
CA GLN D 380 -30.35 13.14 26.12
C GLN D 380 -31.08 13.79 24.95
N LEU D 381 -30.87 13.27 23.73
CA LEU D 381 -31.55 13.84 22.57
C LEU D 381 -33.03 13.51 22.58
N LEU D 382 -33.41 12.30 23.01
CA LEU D 382 -34.82 11.96 23.11
C LEU D 382 -35.51 12.88 24.12
N ALA D 383 -34.87 13.09 25.27
CA ALA D 383 -35.42 13.98 26.28
C ALA D 383 -35.58 15.40 25.75
N PHE D 384 -34.58 15.90 25.02
CA PHE D 384 -34.70 17.21 24.42
C PHE D 384 -35.87 17.27 23.44
N LEU D 385 -36.00 16.26 22.57
CA LEU D 385 -37.03 16.29 21.55
C LEU D 385 -38.43 16.22 22.15
N ARG D 386 -38.59 15.45 23.23
CA ARG D 386 -39.88 15.39 23.92
C ARG D 386 -40.26 16.77 24.45
N VAL D 387 -39.33 17.43 25.15
CA VAL D 387 -39.60 18.75 25.70
C VAL D 387 -39.84 19.75 24.59
N PHE D 388 -39.03 19.68 23.53
CA PHE D 388 -39.18 20.55 22.37
C PHE D 388 -40.59 20.50 21.81
N CYS D 389 -41.26 19.35 21.89
CA CYS D 389 -42.57 19.18 21.29
C CYS D 389 -43.71 19.18 22.32
N MET D 390 -43.44 19.46 23.59
CA MET D 390 -44.48 19.39 24.60
C MET D 390 -45.49 20.51 24.47
N THR D 391 -46.74 20.20 24.81
CA THR D 391 -47.79 21.20 25.02
C THR D 391 -47.60 21.87 26.38
N GLU D 392 -48.29 23.00 26.56
CA GLU D 392 -48.19 23.71 27.85
C GLU D 392 -48.64 22.81 29.01
N GLU D 393 -49.68 22.01 28.81
CA GLU D 393 -50.14 21.12 29.87
C GLU D 393 -49.09 20.07 30.20
N GLU D 394 -48.44 19.53 29.17
CA GLU D 394 -47.40 18.54 29.44
C GLU D 394 -46.24 19.18 30.20
N LEU D 395 -45.85 20.40 29.82
CA LEU D 395 -44.77 21.08 30.53
C LEU D 395 -45.11 21.27 32.00
N LYS D 396 -46.35 21.66 32.30
CA LYS D 396 -46.73 21.88 33.69
C LYS D 396 -46.65 20.60 34.51
N GLU D 397 -46.96 19.45 33.90
CA GLU D 397 -46.82 18.18 34.59
C GLU D 397 -45.36 17.80 34.85
N HIS D 398 -44.41 18.41 34.14
CA HIS D 398 -43.00 18.19 34.41
C HIS D 398 -42.41 19.26 35.31
N LEU D 399 -43.21 20.24 35.72
CA LEU D 399 -42.72 21.31 36.57
C LEU D 399 -43.42 21.38 37.92
N LEU D 400 -44.63 20.87 38.04
CA LEU D 400 -45.45 21.07 39.24
C LEU D 400 -45.95 19.75 39.79
N GLY D 401 -45.99 19.66 41.12
CA GLY D 401 -46.62 18.54 41.78
C GLY D 401 -45.65 17.43 42.13
N ASP D 402 -46.19 16.45 42.84
CA ASP D 402 -45.38 15.42 43.49
C ASP D 402 -44.81 14.40 42.50
N SER D 403 -45.26 14.39 41.26
CA SER D 403 -44.71 13.49 40.24
C SER D 403 -43.81 14.19 39.23
N ALA D 404 -43.60 15.50 39.36
CA ALA D 404 -42.83 16.25 38.36
C ALA D 404 -41.40 15.71 38.25
N ILE D 405 -40.76 15.44 39.38
CA ILE D 405 -39.38 14.98 39.34
C ILE D 405 -39.29 13.58 38.75
N ASP D 406 -40.24 12.70 39.09
CA ASP D 406 -40.30 11.38 38.48
C ASP D 406 -40.43 11.47 36.97
N ARG D 407 -41.25 12.41 36.48
CA ARG D 407 -41.42 12.57 35.03
C ARG D 407 -40.15 13.08 34.37
N ILE D 408 -39.43 13.99 35.04
CA ILE D 408 -38.13 14.41 34.51
C ILE D 408 -37.19 13.22 34.41
N PHE D 409 -37.19 12.36 35.43
CA PHE D 409 -36.26 11.23 35.49
C PHE D 409 -36.43 10.29 34.30
N THR D 410 -37.65 10.10 33.81
CA THR D 410 -37.92 9.15 32.74
C THR D 410 -37.92 9.78 31.35
N LEU D 411 -37.54 11.05 31.25
CA LEU D 411 -37.68 11.79 30.00
C LEU D 411 -36.78 11.23 28.90
N GLY D 412 -35.65 10.63 29.25
CA GLY D 412 -34.76 10.04 28.28
C GLY D 412 -34.99 8.57 28.01
N ASN D 413 -36.10 8.01 28.51
CA ASN D 413 -36.37 6.59 28.43
C ASN D 413 -37.41 6.33 27.34
N SER D 414 -37.04 5.55 26.33
CA SER D 414 -37.94 5.29 25.21
CA SER D 414 -37.93 5.27 25.21
C SER D 414 -39.16 4.48 25.63
N GLU D 415 -39.12 3.82 26.79
CA GLU D 415 -40.25 3.00 27.22
C GLU D 415 -41.40 3.82 27.81
N PHE D 416 -41.14 5.04 28.30
CA PHE D 416 -42.14 5.85 28.99
C PHE D 416 -42.34 7.17 28.27
N PRO D 417 -43.15 7.18 27.22
CA PRO D 417 -43.43 8.45 26.52
C PRO D 417 -44.23 9.40 27.40
N VAL D 418 -44.11 10.69 27.07
CA VAL D 418 -44.97 11.70 27.67
C VAL D 418 -46.42 11.46 27.27
N SER D 419 -46.64 11.17 25.99
CA SER D 419 -47.96 10.91 25.42
C SER D 419 -47.71 10.40 24.02
N TRP D 420 -48.70 9.67 23.48
CA TRP D 420 -48.57 9.22 22.09
C TRP D 420 -48.44 10.41 21.14
N ASP D 421 -49.16 11.50 21.42
CA ASP D 421 -49.12 12.68 20.57
C ASP D 421 -47.74 13.33 20.57
N ASN D 422 -47.11 13.40 21.75
CA ASN D 422 -45.76 13.96 21.84
C ASN D 422 -44.78 13.17 20.99
N GLU D 423 -44.87 11.83 21.04
CA GLU D 423 -43.98 10.99 20.23
C GLU D 423 -44.20 11.23 18.74
N VAL D 424 -45.47 11.23 18.30
CA VAL D 424 -45.74 11.45 16.89
C VAL D 424 -45.15 12.78 16.44
N LYS D 425 -45.27 13.83 17.27
CA LYS D 425 -44.76 15.12 16.86
C LYS D 425 -43.23 15.13 16.81
N LEU D 426 -42.58 14.49 17.77
CA LEU D 426 -41.12 14.56 17.80
C LEU D 426 -40.49 13.72 16.70
N TRP D 427 -41.10 12.58 16.36
CA TRP D 427 -40.54 11.76 15.29
C TRP D 427 -40.86 12.37 13.94
N THR D 428 -42.01 13.02 13.80
CA THR D 428 -42.27 13.84 12.63
C THR D 428 -41.20 14.91 12.47
N PHE D 429 -40.90 15.64 13.55
CA PHE D 429 -39.88 16.67 13.49
C PHE D 429 -38.53 16.08 13.07
N LEU D 430 -38.12 14.99 13.70
CA LEU D 430 -36.80 14.44 13.41
C LEU D 430 -36.74 13.95 11.97
N GLU D 431 -37.81 13.29 11.49
CA GLU D 431 -37.87 12.86 10.10
C GLU D 431 -37.67 14.04 9.16
N ASP D 432 -38.40 15.13 9.39
CA ASP D 432 -38.30 16.30 8.52
C ASP D 432 -36.93 16.95 8.60
N ARG D 433 -36.36 17.05 9.80
CA ARG D 433 -35.07 17.72 9.95
C ARG D 433 -33.94 16.90 9.33
N ALA D 434 -33.95 15.59 9.52
CA ALA D 434 -32.91 14.77 8.91
C ALA D 434 -33.07 14.75 7.39
N SER D 435 -34.30 14.77 6.88
CA SER D 435 -34.47 14.89 5.44
C SER D 435 -33.93 16.21 4.92
N LEU D 436 -34.21 17.30 5.64
CA LEU D 436 -33.68 18.59 5.27
C LEU D 436 -32.15 18.59 5.24
N LEU D 437 -31.52 18.00 6.26
CA LEU D 437 -30.05 17.97 6.30
C LEU D 437 -29.49 17.19 5.12
N LEU D 438 -30.15 16.09 4.74
CA LEU D 438 -29.71 15.31 3.59
C LEU D 438 -29.67 16.16 2.32
N LYS D 439 -30.60 17.10 2.17
CA LYS D 439 -30.68 17.89 0.97
C LYS D 439 -29.61 18.98 0.90
N THR D 440 -28.81 19.15 1.94
CA THR D 440 -27.76 20.17 1.93
C THR D 440 -26.44 19.65 1.37
N TYR D 441 -26.39 18.39 0.96
CA TYR D 441 -25.17 17.81 0.42
C TYR D 441 -25.13 17.98 -1.10
N LYS D 442 -23.91 18.16 -1.60
CA LYS D 442 -23.68 18.34 -3.05
C LYS D 442 -24.01 17.07 -3.84
N THR D 443 -23.89 15.89 -3.22
CA THR D 443 -24.18 14.64 -3.90
C THR D 443 -25.21 13.84 -3.11
N THR D 444 -25.78 12.85 -3.76
CA THR D 444 -26.69 11.90 -3.13
C THR D 444 -25.94 10.63 -2.76
N ILE D 445 -26.57 9.83 -1.91
CA ILE D 445 -26.00 8.54 -1.53
C ILE D 445 -25.76 7.67 -2.77
N GLU D 446 -26.73 7.63 -3.69
CA GLU D 446 -26.55 6.82 -4.90
C GLU D 446 -25.42 7.34 -5.77
N GLU D 447 -25.22 8.65 -5.81
CA GLU D 447 -24.12 9.21 -6.60
C GLU D 447 -22.77 8.85 -6.00
N ASP D 448 -22.66 8.86 -4.65
CA ASP D 448 -21.41 8.47 -4.00
C ASP D 448 -21.10 7.00 -4.25
N LYS D 449 -22.11 6.12 -4.16
CA LYS D 449 -21.89 4.71 -4.42
C LYS D 449 -21.42 4.49 -5.85
N SER D 450 -21.94 5.28 -6.79
CA SER D 450 -21.55 5.14 -8.18
C SER D 450 -20.11 5.60 -8.41
N VAL D 451 -19.69 6.67 -7.73
CA VAL D 451 -18.31 7.12 -7.82
C VAL D 451 -17.36 6.03 -7.30
N LEU D 452 -17.69 5.45 -6.15
CA LEU D 452 -16.84 4.41 -5.58
C LEU D 452 -16.79 3.18 -6.47
N LYS D 453 -17.87 2.90 -7.19
CA LYS D 453 -17.93 1.71 -8.03
C LYS D 453 -17.25 1.93 -9.38
N ASN D 454 -17.41 3.12 -9.97
CA ASN D 454 -17.04 3.36 -11.37
C ASN D 454 -15.78 4.20 -11.55
N HIS D 455 -15.15 4.66 -10.47
CA HIS D 455 -13.90 5.40 -10.56
C HIS D 455 -12.81 4.65 -9.80
N ASP D 456 -11.57 4.81 -10.26
CA ASP D 456 -10.40 4.24 -9.59
C ASP D 456 -9.72 5.32 -8.76
N LEU D 457 -9.69 5.15 -7.44
CA LEU D 457 -9.42 6.24 -6.50
C LEU D 457 -8.23 5.93 -5.61
N SER D 458 -7.51 6.97 -5.21
CA SER D 458 -6.47 6.81 -4.21
C SER D 458 -7.10 6.46 -2.86
N VAL D 459 -6.27 5.96 -1.94
CA VAL D 459 -6.75 5.68 -0.57
C VAL D 459 -7.31 6.95 0.06
N ARG D 460 -6.59 8.07 -0.07
CA ARG D 460 -7.05 9.31 0.53
C ARG D 460 -8.35 9.79 -0.10
N ALA D 461 -8.47 9.67 -1.44
CA ALA D 461 -9.71 10.05 -2.09
C ALA D 461 -10.88 9.20 -1.61
N LYS D 462 -10.64 7.89 -1.45
CA LYS D 462 -11.68 6.99 -0.97
C LYS D 462 -12.09 7.33 0.46
N MET D 463 -11.13 7.73 1.30
CA MET D 463 -11.45 8.16 2.66
C MET D 463 -12.43 9.32 2.64
N ALA D 464 -12.17 10.31 1.77
CA ALA D 464 -13.02 11.49 1.70
C ALA D 464 -14.42 11.14 1.20
N ILE D 465 -14.51 10.30 0.18
CA ILE D 465 -15.81 9.96 -0.38
C ILE D 465 -16.59 9.06 0.58
N LYS D 466 -15.92 8.08 1.20
CA LYS D 466 -16.64 7.25 2.17
C LYS D 466 -17.08 8.06 3.37
N LEU D 467 -16.31 9.09 3.75
CA LEU D 467 -16.72 9.95 4.85
C LEU D 467 -17.98 10.74 4.51
N ARG D 468 -18.05 11.31 3.30
CA ARG D 468 -19.25 12.09 2.96
C ARG D 468 -20.45 11.18 2.73
N LEU D 469 -20.21 9.98 2.18
CA LEU D 469 -21.28 8.99 2.07
C LEU D 469 -21.77 8.58 3.45
N GLY D 470 -20.85 8.40 4.40
CA GLY D 470 -21.23 7.96 5.73
C GLY D 470 -22.11 8.95 6.46
N GLU D 471 -21.79 10.24 6.34
CA GLU D 471 -22.66 11.27 6.94
C GLU D 471 -24.09 11.12 6.44
N LYS D 472 -24.25 10.96 5.12
CA LYS D 472 -25.57 10.84 4.52
C LYS D 472 -26.26 9.54 4.91
N GLU D 473 -25.52 8.44 5.01
CA GLU D 473 -26.15 7.18 5.40
C GLU D 473 -26.71 7.24 6.81
N ILE D 474 -26.04 7.96 7.71
CA ILE D 474 -26.56 8.09 9.06
C ILE D 474 -27.82 8.95 9.06
N LEU D 475 -27.86 10.01 8.24
CA LEU D 475 -29.06 10.82 8.17
C LEU D 475 -30.22 10.04 7.55
N GLU D 476 -29.94 9.26 6.49
CA GLU D 476 -30.98 8.46 5.87
C GLU D 476 -31.52 7.40 6.82
N LYS D 477 -30.66 6.80 7.63
CA LYS D 477 -31.15 5.84 8.62
C LYS D 477 -31.97 6.54 9.68
N ALA D 478 -31.60 7.77 10.06
CA ALA D 478 -32.42 8.54 10.97
C ALA D 478 -33.79 8.85 10.37
N VAL D 479 -33.84 9.24 9.08
CA VAL D 479 -35.13 9.49 8.42
C VAL D 479 -36.01 8.24 8.47
N LYS D 480 -35.42 7.08 8.16
CA LYS D 480 -36.20 5.84 8.12
C LYS D 480 -36.64 5.41 9.51
N SER D 481 -35.75 5.52 10.50
CA SER D 481 -36.11 5.16 11.87
C SER D 481 -37.23 6.06 12.40
N ALA D 482 -37.14 7.37 12.11
CA ALA D 482 -38.17 8.30 12.55
C ALA D 482 -39.51 8.00 11.89
N ALA D 483 -39.50 7.64 10.60
CA ALA D 483 -40.74 7.27 9.93
C ALA D 483 -41.35 6.02 10.56
N VAL D 484 -40.52 5.04 10.91
CA VAL D 484 -41.01 3.84 11.58
C VAL D 484 -41.63 4.20 12.93
N ASN D 485 -40.92 4.99 13.73
CA ASN D 485 -41.41 5.34 15.06
C ASN D 485 -42.67 6.19 14.98
N ARG D 486 -42.72 7.15 14.06
CA ARG D 486 -43.93 7.95 13.90
C ARG D 486 -45.14 7.06 13.63
N GLU D 487 -44.98 6.06 12.75
CA GLU D 487 -46.10 5.20 12.41
C GLU D 487 -46.53 4.34 13.59
N TYR D 488 -45.57 3.83 14.36
CA TYR D 488 -45.91 2.99 15.50
C TYR D 488 -46.72 3.77 16.54
N TYR D 489 -46.27 4.98 16.88
CA TYR D 489 -46.97 5.76 17.89
C TYR D 489 -48.29 6.33 17.36
N ARG D 490 -48.38 6.58 16.05
CA ARG D 490 -49.65 6.97 15.47
C ARG D 490 -50.66 5.83 15.56
N GLN D 491 -50.21 4.60 15.40
CA GLN D 491 -51.12 3.46 15.59
C GLN D 491 -51.56 3.34 17.04
N GLN D 492 -50.63 3.49 18.00
CA GLN D 492 -51.00 3.43 19.41
C GLN D 492 -52.03 4.51 19.75
N MET D 493 -51.89 5.69 19.17
CA MET D 493 -52.81 6.78 19.44
C MET D 493 -54.18 6.52 18.81
N GLU D 494 -54.19 6.19 17.52
CA GLU D 494 -55.44 5.98 16.80
C GLU D 494 -56.25 4.82 17.36
N GLU D 495 -55.62 3.94 18.14
CA GLU D 495 -56.33 2.87 18.82
C GLU D 495 -56.55 3.17 20.31
N LYS D 496 -56.24 4.40 20.74
CA LYS D 496 -56.45 4.82 22.13
C LYS D 496 -55.81 3.85 23.12
N ALA D 497 -54.59 3.41 22.80
CA ALA D 497 -53.90 2.47 23.66
C ALA D 497 -53.52 3.13 24.99
N PRO D 498 -53.39 2.34 26.06
CA PRO D 498 -53.02 2.92 27.36
C PRO D 498 -51.53 3.21 27.44
N LEU D 499 -51.21 4.39 27.97
CA LEU D 499 -49.82 4.80 28.09
C LEU D 499 -49.13 4.05 29.22
N PRO D 500 -47.90 3.60 29.00
CA PRO D 500 -47.16 2.95 30.09
C PRO D 500 -46.93 3.90 31.25
N LYS D 501 -46.68 3.32 32.43
CA LYS D 501 -46.52 4.09 33.65
C LYS D 501 -45.33 3.55 34.44
N TYR D 502 -44.81 4.41 35.32
CA TYR D 502 -43.67 4.08 36.19
C TYR D 502 -42.44 3.65 35.39
#